data_8C7K
#
_entry.id   8C7K
#
_entity_poly.entity_id   1
_entity_poly.type   'polypeptide(L)'
_entity_poly.pdbx_seq_one_letter_code
;MTLKEFIKSLRVGDAKKFAARLGVSPSYLSQMASGRTAISPTRALMIESATEGQVSRAELRPHDWELIWPEYASGIRLGQ
THVVHAEGDCSACLSDGVDSGSSHHHHHH
;
_entity_poly.pdbx_strand_id   A
#
# COMPACT_ATOMS: atom_id res chain seq x y z
N MET A 1 0.36 -2.01 6.69
CA MET A 1 -0.27 -3.32 7.01
C MET A 1 -0.82 -3.94 5.74
N THR A 2 -1.29 -5.18 5.86
CA THR A 2 -1.85 -5.90 4.71
C THR A 2 -3.22 -6.47 5.06
N LEU A 3 -3.96 -6.86 4.03
CA LEU A 3 -5.30 -7.43 4.23
C LEU A 3 -5.24 -8.72 5.03
N LYS A 4 -4.22 -9.52 4.76
CA LYS A 4 -4.06 -10.80 5.44
C LYS A 4 -3.94 -10.57 6.95
N GLU A 5 -3.06 -9.65 7.34
CA GLU A 5 -2.85 -9.32 8.75
C GLU A 5 -4.04 -8.54 9.33
N PHE A 6 -4.56 -7.60 8.55
CA PHE A 6 -5.69 -6.76 8.98
C PHE A 6 -6.92 -7.62 9.26
N ILE A 7 -7.25 -8.48 8.30
CA ILE A 7 -8.39 -9.38 8.41
C ILE A 7 -8.17 -10.32 9.60
N LYS A 8 -6.92 -10.77 9.77
CA LYS A 8 -6.57 -11.67 10.86
C LYS A 8 -6.97 -11.03 12.19
N SER A 9 -6.75 -9.72 12.30
CA SER A 9 -7.11 -8.97 13.50
C SER A 9 -8.63 -8.95 13.65
N LEU A 10 -9.33 -8.77 12.52
CA LEU A 10 -10.78 -8.73 12.50
C LEU A 10 -11.39 -10.06 12.86
N ARG A 11 -12.62 -9.99 13.36
CA ARG A 11 -13.40 -11.17 13.72
C ARG A 11 -14.14 -11.65 12.48
N VAL A 12 -14.66 -12.88 12.50
CA VAL A 12 -15.38 -13.42 11.34
C VAL A 12 -16.53 -12.48 10.94
N GLY A 13 -17.34 -12.06 11.91
CA GLY A 13 -18.47 -11.17 11.64
C GLY A 13 -17.99 -9.78 11.19
N ASP A 14 -16.95 -9.29 11.87
CA ASP A 14 -16.40 -7.96 11.56
C ASP A 14 -15.82 -7.90 10.15
N ALA A 15 -15.14 -8.97 9.76
CA ALA A 15 -14.53 -9.06 8.44
C ALA A 15 -15.59 -8.95 7.35
N LYS A 16 -16.77 -9.50 7.62
CA LYS A 16 -17.87 -9.47 6.68
C LYS A 16 -18.19 -8.02 6.31
N LYS A 17 -18.23 -7.17 7.32
CA LYS A 17 -18.53 -5.75 7.11
C LYS A 17 -17.44 -5.12 6.24
N PHE A 18 -16.19 -5.53 6.46
CA PHE A 18 -15.06 -5.01 5.70
C PHE A 18 -15.22 -5.31 4.22
N ALA A 19 -15.58 -6.57 3.90
CA ALA A 19 -15.79 -6.97 2.52
C ALA A 19 -16.87 -6.09 1.89
N ALA A 20 -17.83 -5.68 2.72
CA ALA A 20 -18.90 -4.81 2.29
C ALA A 20 -18.34 -3.49 1.76
N ARG A 21 -17.24 -3.01 2.38
CA ARG A 21 -16.62 -1.76 1.96
C ARG A 21 -16.21 -1.84 0.50
N LEU A 22 -15.68 -3.00 0.13
CA LEU A 22 -15.23 -3.23 -1.25
C LEU A 22 -16.38 -3.80 -2.09
N GLY A 23 -17.51 -4.12 -1.44
CA GLY A 23 -18.66 -4.68 -2.15
C GLY A 23 -18.29 -6.04 -2.77
N VAL A 24 -17.45 -6.82 -2.08
CA VAL A 24 -17.01 -8.11 -2.58
C VAL A 24 -17.42 -9.24 -1.62
N SER A 25 -17.34 -10.48 -2.12
CA SER A 25 -17.70 -11.64 -1.32
C SER A 25 -16.67 -11.85 -0.21
N PRO A 26 -17.03 -12.51 0.89
CA PRO A 26 -16.08 -12.74 2.03
C PRO A 26 -14.90 -13.60 1.61
N SER A 27 -15.15 -14.56 0.72
CA SER A 27 -14.08 -15.44 0.24
C SER A 27 -13.13 -14.67 -0.66
N TYR A 28 -13.70 -13.86 -1.55
CA TYR A 28 -12.91 -13.04 -2.49
C TYR A 28 -12.02 -12.07 -1.71
N LEU A 29 -12.61 -11.42 -0.71
CA LEU A 29 -11.89 -10.46 0.11
C LEU A 29 -10.55 -11.04 0.58
N SER A 30 -10.60 -12.29 1.00
CA SER A 30 -9.41 -12.98 1.49
C SER A 30 -8.48 -13.43 0.35
N GLN A 31 -9.00 -13.50 -0.89
CA GLN A 31 -8.18 -13.95 -2.03
C GLN A 31 -7.02 -13.01 -2.25
N MET A 32 -7.30 -11.70 -2.25
CA MET A 32 -6.26 -10.70 -2.44
C MET A 32 -5.27 -10.73 -1.28
N ALA A 33 -5.79 -11.02 -0.10
CA ALA A 33 -4.95 -11.13 1.10
C ALA A 33 -3.93 -12.26 0.91
N SER A 34 -4.42 -13.38 0.40
CA SER A 34 -3.58 -14.55 0.13
C SER A 34 -2.63 -14.28 -1.04
N GLY A 35 -3.15 -13.57 -2.05
CA GLY A 35 -2.39 -13.26 -3.25
C GLY A 35 -2.77 -14.21 -4.40
N ARG A 36 -3.88 -14.96 -4.23
CA ARG A 36 -4.34 -15.90 -5.27
C ARG A 36 -5.36 -15.28 -6.22
N THR A 37 -5.38 -13.97 -6.28
CA THR A 37 -6.29 -13.24 -7.14
C THR A 37 -5.62 -11.96 -7.66
N ALA A 38 -6.32 -11.24 -8.53
CA ALA A 38 -5.80 -10.01 -9.09
C ALA A 38 -6.57 -8.81 -8.55
N ILE A 39 -5.83 -7.81 -8.08
CA ILE A 39 -6.42 -6.60 -7.52
C ILE A 39 -6.41 -5.49 -8.56
N SER A 40 -7.60 -5.00 -8.91
CA SER A 40 -7.74 -3.92 -9.89
C SER A 40 -7.32 -2.59 -9.26
N PRO A 41 -6.97 -1.57 -10.05
CA PRO A 41 -6.57 -0.24 -9.48
C PRO A 41 -7.69 0.39 -8.67
N THR A 42 -8.92 0.14 -9.08
CA THR A 42 -10.08 0.66 -8.35
C THR A 42 -10.21 -0.05 -7.01
N ARG A 43 -10.04 -1.38 -7.02
CA ARG A 43 -10.15 -2.18 -5.79
C ARG A 43 -9.10 -1.80 -4.77
N ALA A 44 -7.87 -1.56 -5.24
CA ALA A 44 -6.79 -1.19 -4.33
C ALA A 44 -7.18 0.05 -3.53
N LEU A 45 -7.85 0.97 -4.21
CA LEU A 45 -8.31 2.20 -3.58
C LEU A 45 -9.38 1.92 -2.52
N MET A 46 -10.24 0.93 -2.77
CA MET A 46 -11.32 0.60 -1.86
C MET A 46 -10.81 0.24 -0.48
N ILE A 47 -9.84 -0.66 -0.45
CA ILE A 47 -9.26 -1.12 0.82
C ILE A 47 -8.65 0.08 1.56
N GLU A 48 -7.92 0.92 0.84
CA GLU A 48 -7.28 2.08 1.44
C GLU A 48 -8.33 2.96 2.10
N SER A 49 -9.46 3.13 1.43
CA SER A 49 -10.56 3.92 1.97
C SER A 49 -11.30 3.15 3.05
N ALA A 50 -11.26 1.81 2.93
CA ALA A 50 -11.93 0.92 3.86
C ALA A 50 -11.33 1.00 5.26
N THR A 51 -10.00 1.09 5.34
CA THR A 51 -9.33 1.15 6.65
C THR A 51 -8.70 2.51 6.87
N GLU A 52 -8.04 3.00 5.82
CA GLU A 52 -7.35 4.28 5.85
C GLU A 52 -6.35 4.39 7.02
N GLY A 53 -6.08 3.28 7.72
CA GLY A 53 -5.15 3.31 8.85
C GLY A 53 -4.17 2.15 8.84
N GLN A 54 -4.62 1.00 8.31
CA GLN A 54 -3.79 -0.21 8.28
C GLN A 54 -3.33 -0.56 6.87
N VAL A 55 -4.28 -0.86 5.99
CA VAL A 55 -3.95 -1.24 4.61
C VAL A 55 -4.23 -0.06 3.67
N SER A 56 -3.21 0.26 2.88
CA SER A 56 -3.31 1.35 1.91
C SER A 56 -2.94 0.82 0.53
N ARG A 57 -3.42 1.50 -0.51
CA ARG A 57 -3.13 1.08 -1.89
C ARG A 57 -1.64 0.80 -2.08
N ALA A 58 -0.80 1.61 -1.42
CA ALA A 58 0.65 1.43 -1.50
C ALA A 58 1.05 0.08 -0.90
N GLU A 59 0.41 -0.28 0.22
CA GLU A 59 0.70 -1.54 0.90
C GLU A 59 0.32 -2.74 0.03
N LEU A 60 -0.83 -2.63 -0.62
CA LEU A 60 -1.33 -3.71 -1.47
C LEU A 60 -0.40 -3.92 -2.64
N ARG A 61 0.00 -2.81 -3.27
CA ARG A 61 0.89 -2.86 -4.43
C ARG A 61 2.00 -1.80 -4.30
N PRO A 62 3.00 -2.02 -3.45
CA PRO A 62 4.12 -1.04 -3.26
C PRO A 62 4.92 -0.80 -4.55
N HIS A 63 4.89 -1.77 -5.46
CA HIS A 63 5.63 -1.65 -6.72
C HIS A 63 4.79 -1.08 -7.87
N ASP A 64 3.48 -1.40 -7.90
CA ASP A 64 2.60 -0.95 -8.98
C ASP A 64 1.88 0.35 -8.65
N TRP A 65 1.73 0.68 -7.36
CA TRP A 65 1.03 1.93 -7.00
C TRP A 65 1.73 3.12 -7.65
N GLU A 66 3.05 3.00 -7.81
CA GLU A 66 3.84 4.04 -8.44
C GLU A 66 3.52 4.17 -9.92
N LEU A 67 2.85 3.14 -10.49
CA LEU A 67 2.49 3.14 -11.91
C LEU A 67 1.01 3.52 -12.07
N ILE A 68 0.20 3.04 -11.12
CA ILE A 68 -1.23 3.26 -11.10
C ILE A 68 -1.55 4.71 -10.67
N TRP A 69 -0.80 5.20 -9.68
CA TRP A 69 -1.00 6.57 -9.16
C TRP A 69 0.35 7.31 -9.14
N PRO A 70 0.99 7.46 -10.30
CA PRO A 70 2.31 8.14 -10.40
C PRO A 70 2.24 9.64 -10.16
N GLU A 71 1.08 10.23 -10.46
CA GLU A 71 0.89 11.67 -10.25
C GLU A 71 0.99 11.97 -8.75
N TYR A 72 0.34 11.13 -7.95
CA TYR A 72 0.37 11.28 -6.49
C TYR A 72 1.78 11.02 -5.98
N ALA A 73 2.34 9.90 -6.43
CA ALA A 73 3.69 9.50 -6.03
C ALA A 73 4.71 10.56 -6.44
N SER A 74 4.46 11.21 -7.56
CA SER A 74 5.36 12.25 -8.04
C SER A 74 5.47 13.38 -7.01
N GLY A 75 4.35 13.66 -6.35
CA GLY A 75 4.29 14.72 -5.33
C GLY A 75 5.19 14.45 -4.14
N ILE A 76 5.23 13.21 -3.67
CA ILE A 76 6.05 12.86 -2.51
C ILE A 76 7.54 12.85 -2.86
N ARG A 77 7.85 12.52 -4.12
CA ARG A 77 9.23 12.50 -4.58
C ARG A 77 9.82 13.91 -4.56
N LEU A 78 8.98 14.89 -4.92
CA LEU A 78 9.39 16.29 -4.95
C LEU A 78 10.09 16.70 -3.64
N GLY A 79 9.73 16.04 -2.54
CA GLY A 79 10.33 16.33 -1.24
C GLY A 79 9.34 16.98 -0.27
N GLN A 80 8.04 16.97 -0.62
CA GLN A 80 7.01 17.52 0.25
C GLN A 80 6.67 16.52 1.36
N THR A 81 7.09 15.25 1.19
CA THR A 81 6.84 14.21 2.16
C THR A 81 7.92 14.21 3.27
N HIS A 82 8.48 15.38 3.56
CA HIS A 82 9.52 15.50 4.59
C HIS A 82 8.97 15.30 6.01
N VAL A 83 7.67 15.16 6.13
CA VAL A 83 7.02 14.96 7.42
C VAL A 83 7.51 13.64 8.00
N VAL A 84 7.48 12.61 7.15
CA VAL A 84 7.92 11.28 7.54
C VAL A 84 8.72 10.63 6.40
N HIS A 85 9.78 9.92 6.77
CA HIS A 85 10.62 9.24 5.80
C HIS A 85 10.12 7.83 5.55
N ALA A 86 9.52 7.66 4.38
CA ALA A 86 8.97 6.36 3.98
C ALA A 86 9.83 5.73 2.89
N GLU A 87 9.97 4.40 2.95
CA GLU A 87 10.77 3.66 1.97
C GLU A 87 10.25 3.91 0.56
N GLY A 88 11.14 3.78 -0.43
CA GLY A 88 10.77 4.01 -1.83
C GLY A 88 12.01 4.08 -2.71
N ASP A 89 12.16 5.23 -3.38
CA ASP A 89 13.30 5.45 -4.28
C ASP A 89 13.36 4.36 -5.37
N CYS A 90 12.19 3.93 -5.82
CA CYS A 90 12.09 2.92 -6.87
C CYS A 90 12.68 3.44 -8.18
N SER A 91 12.42 4.72 -8.46
CA SER A 91 12.90 5.35 -9.69
C SER A 91 14.42 5.27 -9.78
N ALA A 92 15.09 5.36 -8.63
CA ALA A 92 16.54 5.29 -8.56
C ALA A 92 17.05 3.96 -9.11
N CYS A 93 16.27 2.90 -8.91
CA CYS A 93 16.65 1.57 -9.39
C CYS A 93 15.81 1.18 -10.60
N LEU A 94 16.41 0.39 -11.49
CA LEU A 94 15.72 -0.05 -12.70
C LEU A 94 16.04 -1.51 -13.00
N SER A 95 15.00 -2.36 -12.97
CA SER A 95 15.18 -3.78 -13.25
C SER A 95 14.75 -4.10 -14.68
N ASP A 96 15.67 -4.68 -15.46
CA ASP A 96 15.39 -5.03 -16.85
C ASP A 96 14.25 -6.06 -16.92
N GLY A 97 13.36 -5.87 -17.90
CA GLY A 97 12.23 -6.79 -18.08
C GLY A 97 12.36 -7.63 -19.35
N VAL A 98 13.58 -7.70 -19.89
CA VAL A 98 13.84 -8.48 -21.11
C VAL A 98 15.21 -9.15 -21.04
N ASP A 99 15.27 -10.36 -21.58
CA ASP A 99 16.52 -11.13 -21.60
C ASP A 99 17.28 -10.87 -22.89
N SER A 100 18.41 -10.18 -22.78
CA SER A 100 19.25 -9.86 -23.94
C SER A 100 19.74 -11.13 -24.63
N GLY A 101 20.10 -12.13 -23.83
CA GLY A 101 20.60 -13.39 -24.37
C GLY A 101 19.56 -14.07 -25.26
N SER A 102 18.29 -13.98 -24.85
CA SER A 102 17.20 -14.59 -25.61
C SER A 102 17.10 -13.97 -27.00
N SER A 103 17.28 -12.65 -27.07
CA SER A 103 17.22 -11.94 -28.35
C SER A 103 18.30 -12.43 -29.30
N HIS A 104 17.94 -12.58 -30.57
CA HIS A 104 18.88 -13.05 -31.59
C HIS A 104 18.46 -12.55 -32.97
N HIS A 105 19.45 -12.22 -33.79
CA HIS A 105 19.19 -11.72 -35.15
C HIS A 105 20.36 -12.07 -36.07
N HIS A 106 20.04 -12.45 -37.30
CA HIS A 106 21.06 -12.82 -38.29
C HIS A 106 20.53 -12.57 -39.70
N HIS A 107 21.41 -12.11 -40.59
CA HIS A 107 21.04 -11.83 -41.98
C HIS A 107 22.27 -11.89 -42.89
N HIS A 108 22.01 -11.94 -44.20
CA HIS A 108 23.09 -12.00 -45.19
C HIS A 108 22.97 -10.86 -46.19
N HIS A 109 24.11 -10.26 -46.56
CA HIS A 109 24.13 -9.16 -47.51
C HIS A 109 23.19 -8.03 -47.06
N MET A 1 0.44 -2.05 6.52
CA MET A 1 -0.24 -3.33 6.87
C MET A 1 -0.72 -4.00 5.61
N THR A 2 -1.22 -5.22 5.76
CA THR A 2 -1.75 -5.99 4.64
C THR A 2 -3.13 -6.50 4.98
N LEU A 3 -3.86 -6.91 3.95
CA LEU A 3 -5.21 -7.44 4.13
C LEU A 3 -5.20 -8.69 4.97
N LYS A 4 -4.19 -9.53 4.75
CA LYS A 4 -4.06 -10.78 5.48
C LYS A 4 -3.97 -10.50 6.98
N GLU A 5 -3.07 -9.58 7.36
CA GLU A 5 -2.88 -9.22 8.76
C GLU A 5 -4.07 -8.39 9.29
N PHE A 6 -4.56 -7.49 8.46
CA PHE A 6 -5.68 -6.63 8.84
C PHE A 6 -6.91 -7.49 9.16
N ILE A 7 -7.24 -8.37 8.24
CA ILE A 7 -8.38 -9.27 8.39
C ILE A 7 -8.15 -10.16 9.62
N LYS A 8 -6.90 -10.60 9.80
CA LYS A 8 -6.54 -11.43 10.93
C LYS A 8 -6.91 -10.72 12.23
N SER A 9 -6.67 -9.40 12.26
CA SER A 9 -7.02 -8.58 13.42
C SER A 9 -8.54 -8.55 13.58
N LEU A 10 -9.24 -8.43 12.44
CA LEU A 10 -10.70 -8.39 12.43
C LEU A 10 -11.32 -9.71 12.86
N ARG A 11 -12.53 -9.61 13.38
CA ARG A 11 -13.30 -10.77 13.79
C ARG A 11 -14.01 -11.32 12.57
N VAL A 12 -14.37 -12.61 12.60
CA VAL A 12 -15.04 -13.22 11.44
C VAL A 12 -16.25 -12.37 11.01
N GLY A 13 -17.05 -11.93 11.97
CA GLY A 13 -18.22 -11.11 11.69
C GLY A 13 -17.81 -9.72 11.17
N ASP A 14 -16.79 -9.15 11.81
CA ASP A 14 -16.29 -7.82 11.44
C ASP A 14 -15.71 -7.80 10.03
N ALA A 15 -15.00 -8.86 9.68
CA ALA A 15 -14.38 -8.96 8.35
C ALA A 15 -15.45 -8.92 7.27
N LYS A 16 -16.61 -9.50 7.58
CA LYS A 16 -17.72 -9.53 6.64
C LYS A 16 -18.08 -8.10 6.24
N LYS A 17 -18.12 -7.20 7.23
CA LYS A 17 -18.44 -5.81 6.98
C LYS A 17 -17.39 -5.18 6.06
N PHE A 18 -16.12 -5.54 6.29
CA PHE A 18 -15.01 -5.02 5.50
C PHE A 18 -15.19 -5.36 4.02
N ALA A 19 -15.51 -6.63 3.74
CA ALA A 19 -15.75 -7.07 2.38
C ALA A 19 -16.89 -6.25 1.76
N ALA A 20 -17.85 -5.89 2.61
CA ALA A 20 -19.00 -5.09 2.19
C ALA A 20 -18.54 -3.74 1.63
N ARG A 21 -17.46 -3.20 2.22
CA ARG A 21 -16.93 -1.90 1.78
C ARG A 21 -16.54 -1.97 0.32
N LEU A 22 -15.95 -3.10 -0.05
CA LEU A 22 -15.52 -3.32 -1.44
C LEU A 22 -16.66 -3.94 -2.25
N GLY A 23 -17.75 -4.32 -1.57
CA GLY A 23 -18.89 -4.94 -2.25
C GLY A 23 -18.51 -6.32 -2.79
N VAL A 24 -17.64 -7.04 -2.05
CA VAL A 24 -17.18 -8.37 -2.49
C VAL A 24 -17.49 -9.43 -1.44
N SER A 25 -17.41 -10.70 -1.87
CA SER A 25 -17.66 -11.82 -0.97
C SER A 25 -16.54 -11.93 0.07
N PRO A 26 -16.80 -12.50 1.24
CA PRO A 26 -15.76 -12.61 2.31
C PRO A 26 -14.61 -13.49 1.86
N SER A 27 -14.93 -14.55 1.11
CA SER A 27 -13.90 -15.46 0.60
C SER A 27 -13.01 -14.73 -0.40
N TYR A 28 -13.66 -13.96 -1.29
CA TYR A 28 -12.94 -13.18 -2.30
C TYR A 28 -12.01 -12.18 -1.62
N LEU A 29 -12.55 -11.51 -0.60
CA LEU A 29 -11.79 -10.52 0.14
C LEU A 29 -10.48 -11.13 0.64
N SER A 30 -10.57 -12.36 1.14
CA SER A 30 -9.40 -13.07 1.65
C SER A 30 -8.45 -13.48 0.53
N GLN A 31 -8.96 -13.56 -0.71
CA GLN A 31 -8.13 -13.96 -1.84
C GLN A 31 -7.00 -12.96 -2.06
N MET A 32 -7.35 -11.68 -1.97
CA MET A 32 -6.37 -10.60 -2.17
C MET A 32 -5.31 -10.70 -1.07
N ALA A 33 -5.80 -11.01 0.14
CA ALA A 33 -4.94 -11.14 1.29
C ALA A 33 -3.92 -12.25 1.06
N SER A 34 -4.40 -13.37 0.54
CA SER A 34 -3.55 -14.51 0.24
C SER A 34 -2.65 -14.22 -0.95
N GLY A 35 -3.19 -13.48 -1.92
CA GLY A 35 -2.46 -13.15 -3.13
C GLY A 35 -2.82 -14.12 -4.27
N ARG A 36 -3.90 -14.89 -4.09
CA ARG A 36 -4.31 -15.87 -5.12
C ARG A 36 -5.40 -15.32 -6.04
N THR A 37 -5.42 -14.02 -6.19
CA THR A 37 -6.38 -13.34 -7.04
C THR A 37 -5.75 -12.09 -7.63
N ALA A 38 -6.51 -11.37 -8.46
CA ALA A 38 -6.02 -10.15 -9.08
C ALA A 38 -6.70 -8.95 -8.46
N ILE A 39 -5.89 -7.99 -8.02
CA ILE A 39 -6.38 -6.78 -7.39
C ILE A 39 -6.37 -5.64 -8.42
N SER A 40 -7.55 -5.06 -8.65
CA SER A 40 -7.71 -3.98 -9.61
C SER A 40 -7.29 -2.63 -9.01
N PRO A 41 -6.92 -1.64 -9.81
CA PRO A 41 -6.52 -0.29 -9.30
C PRO A 41 -7.63 0.35 -8.47
N THR A 42 -8.88 0.16 -8.92
CA THR A 42 -10.04 0.70 -8.22
C THR A 42 -10.19 0.02 -6.86
N ARG A 43 -10.01 -1.30 -6.86
CA ARG A 43 -10.12 -2.09 -5.64
C ARG A 43 -9.11 -1.67 -4.61
N ALA A 44 -7.89 -1.40 -5.05
CA ALA A 44 -6.85 -0.99 -4.11
C ALA A 44 -7.29 0.28 -3.37
N LEU A 45 -7.92 1.16 -4.13
CA LEU A 45 -8.42 2.41 -3.58
C LEU A 45 -9.54 2.15 -2.57
N MET A 46 -10.38 1.12 -2.85
CA MET A 46 -11.49 0.78 -1.98
C MET A 46 -11.01 0.39 -0.58
N ILE A 47 -10.03 -0.52 -0.53
CA ILE A 47 -9.48 -0.98 0.76
C ILE A 47 -8.85 0.19 1.51
N GLU A 48 -8.05 1.01 0.82
CA GLU A 48 -7.38 2.13 1.46
C GLU A 48 -8.41 3.05 2.09
N SER A 49 -9.53 3.26 1.38
CA SER A 49 -10.60 4.10 1.89
C SER A 49 -11.39 3.36 2.96
N ALA A 50 -11.43 2.03 2.83
CA ALA A 50 -12.16 1.19 3.75
C ALA A 50 -11.58 1.25 5.17
N THR A 51 -10.24 1.25 5.27
CA THR A 51 -9.59 1.26 6.59
C THR A 51 -8.89 2.58 6.84
N GLU A 52 -8.20 3.06 5.80
CA GLU A 52 -7.46 4.31 5.86
C GLU A 52 -6.48 4.37 7.06
N GLY A 53 -6.24 3.23 7.73
CA GLY A 53 -5.35 3.21 8.88
C GLY A 53 -4.35 2.05 8.84
N GLN A 54 -4.75 0.92 8.24
CA GLN A 54 -3.88 -0.26 8.20
C GLN A 54 -3.35 -0.55 6.79
N VAL A 55 -4.27 -0.84 5.87
CA VAL A 55 -3.89 -1.19 4.50
C VAL A 55 -3.96 0.02 3.57
N SER A 56 -2.87 0.22 2.83
CA SER A 56 -2.76 1.31 1.87
C SER A 56 -2.59 0.73 0.46
N ARG A 57 -2.79 1.57 -0.55
CA ARG A 57 -2.64 1.11 -1.94
C ARG A 57 -1.23 0.64 -2.19
N ALA A 58 -0.26 1.35 -1.62
CA ALA A 58 1.15 1.00 -1.77
C ALA A 58 1.41 -0.40 -1.23
N GLU A 59 0.77 -0.73 -0.11
CA GLU A 59 0.95 -2.04 0.51
C GLU A 59 0.42 -3.14 -0.42
N LEU A 60 -0.74 -2.88 -1.03
CA LEU A 60 -1.35 -3.84 -1.94
C LEU A 60 -0.52 -4.03 -3.20
N ARG A 61 -0.10 -2.91 -3.79
CA ARG A 61 0.71 -2.95 -5.01
C ARG A 61 1.91 -1.98 -4.87
N PRO A 62 2.93 -2.30 -4.08
CA PRO A 62 4.11 -1.39 -3.87
C PRO A 62 4.84 -1.08 -5.18
N HIS A 63 4.76 -2.00 -6.14
CA HIS A 63 5.45 -1.83 -7.42
C HIS A 63 4.56 -1.14 -8.48
N ASP A 64 3.26 -1.44 -8.49
CA ASP A 64 2.36 -0.89 -9.50
C ASP A 64 1.67 0.41 -9.07
N TRP A 65 1.58 0.66 -7.76
CA TRP A 65 0.91 1.89 -7.29
C TRP A 65 1.64 3.11 -7.87
N GLU A 66 2.95 2.95 -8.08
CA GLU A 66 3.77 4.01 -8.64
C GLU A 66 3.47 4.22 -10.13
N LEU A 67 2.81 3.24 -10.76
CA LEU A 67 2.47 3.33 -12.19
C LEU A 67 1.02 3.76 -12.34
N ILE A 68 0.19 3.28 -11.41
CA ILE A 68 -1.24 3.58 -11.39
C ILE A 68 -1.49 5.01 -10.93
N TRP A 69 -0.72 5.44 -9.90
CA TRP A 69 -0.88 6.78 -9.33
C TRP A 69 0.50 7.46 -9.27
N PRO A 70 1.18 7.63 -10.41
CA PRO A 70 2.53 8.26 -10.46
C PRO A 70 2.52 9.74 -10.15
N GLU A 71 1.43 10.41 -10.52
CA GLU A 71 1.32 11.85 -10.27
C GLU A 71 1.29 12.09 -8.76
N TYR A 72 0.50 11.26 -8.06
CA TYR A 72 0.41 11.33 -6.61
C TYR A 72 1.76 11.01 -5.98
N ALA A 73 2.34 9.91 -6.46
CA ALA A 73 3.63 9.45 -5.98
C ALA A 73 4.71 10.49 -6.23
N SER A 74 4.59 11.19 -7.35
CA SER A 74 5.55 12.24 -7.70
C SER A 74 5.57 13.33 -6.62
N GLY A 75 4.39 13.59 -6.05
CA GLY A 75 4.25 14.62 -5.02
C GLY A 75 5.00 14.28 -3.73
N ILE A 76 4.94 13.02 -3.32
CA ILE A 76 5.61 12.59 -2.09
C ILE A 76 7.14 12.58 -2.27
N ARG A 77 7.61 12.33 -3.49
CA ARG A 77 9.05 12.32 -3.76
C ARG A 77 9.65 13.73 -3.65
N LEU A 78 8.79 14.75 -3.72
CA LEU A 78 9.24 16.14 -3.62
C LEU A 78 10.07 16.35 -2.35
N GLY A 79 9.88 15.48 -1.35
CA GLY A 79 10.63 15.57 -0.10
C GLY A 79 9.75 16.00 1.08
N GLN A 80 8.43 16.02 0.89
CA GLN A 80 7.50 16.40 1.95
C GLN A 80 6.97 15.17 2.70
N THR A 81 7.26 13.96 2.18
CA THR A 81 6.79 12.73 2.80
C THR A 81 7.80 12.20 3.84
N HIS A 82 8.58 13.11 4.44
CA HIS A 82 9.57 12.71 5.44
C HIS A 82 8.93 12.17 6.72
N VAL A 83 7.61 12.29 6.80
CA VAL A 83 6.85 11.81 7.96
C VAL A 83 6.96 10.29 8.00
N VAL A 84 6.70 9.68 6.84
CA VAL A 84 6.77 8.23 6.68
C VAL A 84 7.69 7.89 5.51
N HIS A 85 8.59 6.95 5.74
CA HIS A 85 9.53 6.52 4.70
C HIS A 85 8.97 5.34 3.92
N ALA A 86 8.50 5.62 2.71
CA ALA A 86 7.93 4.58 1.84
C ALA A 86 8.82 4.33 0.64
N GLU A 87 8.91 3.06 0.24
CA GLU A 87 9.73 2.66 -0.90
C GLU A 87 9.09 3.12 -2.21
N GLY A 88 9.94 3.37 -3.22
CA GLY A 88 9.46 3.82 -4.53
C GLY A 88 10.16 5.11 -4.93
N ASP A 89 10.56 5.19 -6.20
CA ASP A 89 11.25 6.38 -6.71
C ASP A 89 10.68 6.79 -8.07
N CYS A 90 9.78 7.77 -8.04
CA CYS A 90 9.16 8.30 -9.26
C CYS A 90 9.55 9.78 -9.49
N SER A 91 10.70 10.18 -8.93
CA SER A 91 11.19 11.55 -9.05
C SER A 91 11.47 11.92 -10.50
N ALA A 92 11.90 10.94 -11.30
CA ALA A 92 12.24 11.18 -12.69
C ALA A 92 11.06 11.75 -13.48
N CYS A 93 9.83 11.38 -13.10
CA CYS A 93 8.65 11.88 -13.78
C CYS A 93 8.44 13.35 -13.43
N LEU A 94 7.92 14.10 -14.40
CA LEU A 94 7.65 15.51 -14.22
C LEU A 94 6.36 15.91 -14.92
N SER A 95 5.37 16.35 -14.14
CA SER A 95 4.09 16.77 -14.69
C SER A 95 4.23 18.12 -15.40
N ASP A 96 3.26 18.44 -16.26
CA ASP A 96 3.28 19.70 -17.00
C ASP A 96 3.06 20.88 -16.06
N GLY A 97 3.92 21.89 -16.17
CA GLY A 97 3.82 23.07 -15.31
C GLY A 97 2.49 23.79 -15.52
N VAL A 98 2.05 23.86 -16.77
CA VAL A 98 0.80 24.54 -17.12
C VAL A 98 -0.12 23.63 -17.93
N ASP A 99 -1.42 23.92 -17.88
CA ASP A 99 -2.41 23.13 -18.62
C ASP A 99 -2.70 23.79 -19.97
N SER A 100 -2.25 23.15 -21.04
CA SER A 100 -2.46 23.67 -22.39
C SER A 100 -3.95 23.79 -22.72
N GLY A 101 -4.73 22.79 -22.28
CA GLY A 101 -6.17 22.78 -22.54
C GLY A 101 -6.86 24.01 -21.94
N SER A 102 -6.43 24.40 -20.75
CA SER A 102 -7.01 25.56 -20.06
C SER A 102 -6.81 26.83 -20.88
N SER A 103 -5.63 26.96 -21.49
CA SER A 103 -5.32 28.14 -22.30
C SER A 103 -6.28 28.24 -23.50
N HIS A 104 -6.72 29.47 -23.78
CA HIS A 104 -7.63 29.70 -24.90
C HIS A 104 -7.55 31.15 -25.35
N HIS A 105 -7.72 31.37 -26.66
CA HIS A 105 -7.65 32.72 -27.23
C HIS A 105 -8.82 32.96 -28.18
N HIS A 106 -9.27 34.21 -28.25
CA HIS A 106 -10.39 34.58 -29.12
C HIS A 106 -9.94 35.62 -30.14
N HIS A 107 -10.41 35.48 -31.39
CA HIS A 107 -10.07 36.41 -32.45
C HIS A 107 -11.31 36.81 -33.24
N HIS A 108 -11.32 38.06 -33.73
CA HIS A 108 -12.44 38.57 -34.50
C HIS A 108 -12.58 37.80 -35.81
N HIS A 109 -13.83 37.49 -36.18
CA HIS A 109 -14.10 36.76 -37.42
C HIS A 109 -15.47 37.14 -37.97
N MET A 1 0.26 -1.50 6.45
CA MET A 1 -0.28 -2.84 6.79
C MET A 1 -0.84 -3.50 5.52
N THR A 2 -1.24 -4.76 5.66
CA THR A 2 -1.79 -5.52 4.53
C THR A 2 -3.14 -6.11 4.92
N LEU A 3 -3.90 -6.52 3.92
CA LEU A 3 -5.21 -7.12 4.16
C LEU A 3 -5.10 -8.40 4.96
N LYS A 4 -4.06 -9.18 4.66
CA LYS A 4 -3.85 -10.44 5.35
C LYS A 4 -3.72 -10.19 6.86
N GLU A 5 -2.86 -9.25 7.23
CA GLU A 5 -2.65 -8.91 8.64
C GLU A 5 -3.85 -8.17 9.23
N PHE A 6 -4.40 -7.24 8.45
CA PHE A 6 -5.55 -6.44 8.88
C PHE A 6 -6.76 -7.35 9.14
N ILE A 7 -7.07 -8.18 8.14
CA ILE A 7 -8.19 -9.11 8.24
C ILE A 7 -7.97 -10.07 9.39
N LYS A 8 -6.73 -10.51 9.56
CA LYS A 8 -6.36 -11.41 10.63
C LYS A 8 -6.73 -10.78 11.98
N SER A 9 -6.51 -9.48 12.10
CA SER A 9 -6.87 -8.75 13.31
C SER A 9 -8.40 -8.76 13.47
N LEU A 10 -9.10 -8.58 12.34
CA LEU A 10 -10.56 -8.57 12.34
C LEU A 10 -11.13 -9.94 12.71
N ARG A 11 -12.35 -9.89 13.23
CA ARG A 11 -13.09 -11.10 13.58
C ARG A 11 -13.76 -11.62 12.32
N VAL A 12 -14.10 -12.91 12.31
CA VAL A 12 -14.74 -13.51 11.13
C VAL A 12 -15.97 -12.69 10.70
N GLY A 13 -16.82 -12.34 11.67
CA GLY A 13 -18.01 -11.53 11.39
C GLY A 13 -17.64 -10.11 10.95
N ASP A 14 -16.65 -9.55 11.65
CA ASP A 14 -16.19 -8.18 11.36
C ASP A 14 -15.62 -8.05 9.96
N ALA A 15 -14.87 -9.07 9.55
CA ALA A 15 -14.24 -9.08 8.23
C ALA A 15 -15.29 -9.02 7.14
N LYS A 16 -16.43 -9.68 7.40
CA LYS A 16 -17.53 -9.70 6.44
C LYS A 16 -17.96 -8.27 6.11
N LYS A 17 -18.08 -7.45 7.16
CA LYS A 17 -18.48 -6.06 6.98
C LYS A 17 -17.43 -5.32 6.15
N PHE A 18 -16.15 -5.64 6.38
CA PHE A 18 -15.05 -5.01 5.65
C PHE A 18 -15.20 -5.29 4.15
N ALA A 19 -15.49 -6.55 3.82
CA ALA A 19 -15.69 -6.93 2.42
C ALA A 19 -16.81 -6.09 1.82
N ALA A 20 -17.78 -5.73 2.66
CA ALA A 20 -18.90 -4.90 2.24
C ALA A 20 -18.39 -3.55 1.73
N ARG A 21 -17.30 -3.06 2.34
CA ARG A 21 -16.73 -1.77 1.93
C ARG A 21 -16.34 -1.82 0.47
N LEU A 22 -15.78 -2.95 0.07
CA LEU A 22 -15.36 -3.16 -1.31
C LEU A 22 -16.51 -3.79 -2.13
N GLY A 23 -17.60 -4.16 -1.45
CA GLY A 23 -18.75 -4.79 -2.13
C GLY A 23 -18.35 -6.14 -2.70
N VAL A 24 -17.49 -6.87 -1.97
CA VAL A 24 -17.02 -8.19 -2.43
C VAL A 24 -17.37 -9.29 -1.44
N SER A 25 -17.27 -10.54 -1.90
CA SER A 25 -17.57 -11.69 -1.05
C SER A 25 -16.51 -11.86 0.02
N PRO A 26 -16.80 -12.52 1.14
CA PRO A 26 -15.80 -12.71 2.24
C PRO A 26 -14.62 -13.55 1.78
N SER A 27 -14.90 -14.55 0.92
CA SER A 27 -13.86 -15.41 0.39
C SER A 27 -12.94 -14.64 -0.54
N TYR A 28 -13.54 -13.81 -1.41
CA TYR A 28 -12.80 -13.00 -2.36
C TYR A 28 -11.88 -12.03 -1.61
N LEU A 29 -12.44 -11.39 -0.59
CA LEU A 29 -11.70 -10.44 0.23
C LEU A 29 -10.39 -11.08 0.71
N SER A 30 -10.49 -12.33 1.11
CA SER A 30 -9.34 -13.10 1.57
C SER A 30 -8.34 -13.32 0.44
N GLN A 31 -8.85 -13.53 -0.79
CA GLN A 31 -8.00 -13.80 -1.94
C GLN A 31 -6.93 -12.74 -2.15
N MET A 32 -7.33 -11.47 -2.16
CA MET A 32 -6.37 -10.38 -2.35
C MET A 32 -5.39 -10.34 -1.19
N ALA A 33 -5.89 -10.67 -0.01
CA ALA A 33 -5.06 -10.72 1.18
C ALA A 33 -3.96 -11.76 1.00
N SER A 34 -4.37 -12.92 0.49
CA SER A 34 -3.44 -14.03 0.23
C SER A 34 -2.52 -13.70 -0.94
N GLY A 35 -3.07 -13.01 -1.94
CA GLY A 35 -2.34 -12.66 -3.15
C GLY A 35 -2.65 -13.63 -4.30
N ARG A 36 -3.70 -14.45 -4.12
CA ARG A 36 -4.09 -15.43 -5.14
C ARG A 36 -5.18 -14.91 -6.09
N THR A 37 -5.26 -13.60 -6.19
CA THR A 37 -6.23 -12.96 -7.06
C THR A 37 -5.66 -11.67 -7.64
N ALA A 38 -6.42 -11.04 -8.52
CA ALA A 38 -5.99 -9.79 -9.14
C ALA A 38 -6.80 -8.63 -8.58
N ILE A 39 -6.08 -7.62 -8.10
CA ILE A 39 -6.71 -6.45 -7.51
C ILE A 39 -6.72 -5.31 -8.53
N SER A 40 -7.92 -4.82 -8.83
CA SER A 40 -8.08 -3.73 -9.78
C SER A 40 -7.59 -2.41 -9.15
N PRO A 41 -7.22 -1.41 -9.94
CA PRO A 41 -6.73 -0.11 -9.37
C PRO A 41 -7.81 0.55 -8.52
N THR A 42 -9.06 0.38 -8.93
CA THR A 42 -10.20 0.94 -8.18
C THR A 42 -10.33 0.20 -6.85
N ARG A 43 -10.19 -1.13 -6.91
CA ARG A 43 -10.28 -1.97 -5.71
C ARG A 43 -9.23 -1.61 -4.69
N ALA A 44 -8.01 -1.38 -5.16
CA ALA A 44 -6.93 -1.02 -4.24
C ALA A 44 -7.29 0.22 -3.46
N LEU A 45 -7.93 1.17 -4.16
CA LEU A 45 -8.36 2.42 -3.55
C LEU A 45 -9.46 2.17 -2.52
N MET A 46 -10.32 1.18 -2.78
CA MET A 46 -11.43 0.88 -1.87
C MET A 46 -10.92 0.50 -0.49
N ILE A 47 -9.92 -0.38 -0.43
CA ILE A 47 -9.35 -0.80 0.85
C ILE A 47 -8.75 0.39 1.59
N GLU A 48 -8.00 1.22 0.87
CA GLU A 48 -7.36 2.39 1.49
C GLU A 48 -8.43 3.27 2.12
N SER A 49 -9.55 3.42 1.42
CA SER A 49 -10.68 4.19 1.91
C SER A 49 -11.36 3.45 3.05
N ALA A 50 -11.38 2.12 2.93
CA ALA A 50 -12.03 1.26 3.90
C ALA A 50 -11.41 1.37 5.29
N THR A 51 -10.08 1.47 5.36
CA THR A 51 -9.39 1.54 6.67
C THR A 51 -8.75 2.91 6.87
N GLU A 52 -8.10 3.37 5.81
CA GLU A 52 -7.41 4.66 5.81
C GLU A 52 -6.38 4.78 6.96
N GLY A 53 -6.10 3.68 7.67
CA GLY A 53 -5.14 3.74 8.78
C GLY A 53 -4.14 2.59 8.75
N GLN A 54 -4.56 1.42 8.23
CA GLN A 54 -3.70 0.23 8.20
C GLN A 54 -3.24 -0.12 6.78
N VAL A 55 -4.19 -0.50 5.92
CA VAL A 55 -3.87 -0.89 4.55
C VAL A 55 -4.03 0.30 3.60
N SER A 56 -2.97 0.55 2.83
CA SER A 56 -2.96 1.64 1.86
C SER A 56 -2.82 1.07 0.45
N ARG A 57 -3.18 1.86 -0.56
CA ARG A 57 -3.10 1.41 -1.95
C ARG A 57 -1.68 0.90 -2.27
N ALA A 58 -0.68 1.57 -1.71
CA ALA A 58 0.71 1.20 -1.90
C ALA A 58 1.02 -0.18 -1.31
N GLU A 59 0.43 -0.46 -0.15
CA GLU A 59 0.65 -1.72 0.54
C GLU A 59 0.17 -2.92 -0.27
N LEU A 60 -0.99 -2.75 -0.91
CA LEU A 60 -1.58 -3.83 -1.71
C LEU A 60 -0.70 -4.16 -2.91
N ARG A 61 -0.25 -3.10 -3.59
CA ARG A 61 0.60 -3.26 -4.77
C ARG A 61 1.80 -2.29 -4.66
N PRO A 62 2.78 -2.58 -3.81
CA PRO A 62 3.97 -1.68 -3.62
C PRO A 62 4.75 -1.44 -4.93
N HIS A 63 4.68 -2.39 -5.85
CA HIS A 63 5.40 -2.27 -7.13
C HIS A 63 4.55 -1.67 -8.25
N ASP A 64 3.23 -1.94 -8.24
CA ASP A 64 2.35 -1.46 -9.31
C ASP A 64 1.68 -0.13 -8.97
N TRP A 65 1.53 0.19 -7.68
CA TRP A 65 0.87 1.44 -7.28
C TRP A 65 1.62 2.63 -7.90
N GLU A 66 2.95 2.47 -8.04
CA GLU A 66 3.78 3.51 -8.63
C GLU A 66 3.49 3.68 -10.11
N LEU A 67 2.88 2.66 -10.73
CA LEU A 67 2.55 2.71 -12.15
C LEU A 67 1.10 3.16 -12.33
N ILE A 68 0.26 2.72 -11.40
CA ILE A 68 -1.17 3.05 -11.39
C ILE A 68 -1.39 4.51 -10.99
N TRP A 69 -0.62 4.98 -9.99
CA TRP A 69 -0.76 6.35 -9.50
C TRP A 69 0.64 6.99 -9.44
N PRO A 70 1.31 7.11 -10.58
CA PRO A 70 2.68 7.71 -10.63
C PRO A 70 2.69 9.20 -10.32
N GLU A 71 1.63 9.91 -10.73
CA GLU A 71 1.54 11.34 -10.43
C GLU A 71 1.42 11.53 -8.92
N TYR A 72 0.60 10.68 -8.31
CA TYR A 72 0.40 10.69 -6.86
C TYR A 72 1.70 10.35 -6.16
N ALA A 73 2.33 9.28 -6.64
CA ALA A 73 3.58 8.80 -6.09
C ALA A 73 4.66 9.87 -6.20
N SER A 74 4.63 10.59 -7.32
CA SER A 74 5.58 11.66 -7.56
C SER A 74 5.44 12.74 -6.47
N GLY A 75 4.20 12.95 -6.03
CA GLY A 75 3.89 13.97 -5.02
C GLY A 75 4.49 13.65 -3.66
N ILE A 76 4.42 12.38 -3.26
CA ILE A 76 4.94 11.97 -1.95
C ILE A 76 6.48 12.03 -1.92
N ARG A 77 7.10 11.85 -3.09
CA ARG A 77 8.56 11.91 -3.19
C ARG A 77 9.05 13.30 -2.81
N LEU A 78 8.26 14.31 -3.16
CA LEU A 78 8.59 15.71 -2.84
C LEU A 78 9.01 15.88 -1.38
N GLY A 79 8.57 14.95 -0.52
CA GLY A 79 8.91 14.99 0.91
C GLY A 79 7.70 15.30 1.81
N GLN A 80 6.50 15.33 1.22
CA GLN A 80 5.27 15.59 1.99
C GLN A 80 4.65 14.27 2.49
N THR A 81 5.45 13.20 2.51
CA THR A 81 4.99 11.87 2.95
C THR A 81 5.07 11.71 4.47
N HIS A 82 4.91 12.82 5.20
CA HIS A 82 4.97 12.78 6.67
C HIS A 82 3.58 12.70 7.30
N VAL A 83 2.56 12.43 6.49
CA VAL A 83 1.18 12.32 6.97
C VAL A 83 1.10 11.12 7.92
N VAL A 84 1.64 10.01 7.43
CA VAL A 84 1.67 8.76 8.19
C VAL A 84 3.11 8.26 8.30
N HIS A 85 3.51 7.92 9.52
CA HIS A 85 4.87 7.45 9.77
C HIS A 85 4.87 5.93 9.98
N ALA A 86 5.34 5.20 8.96
CA ALA A 86 5.40 3.75 9.04
C ALA A 86 6.37 3.32 10.13
N GLU A 87 6.04 2.21 10.80
CA GLU A 87 6.87 1.70 11.89
C GLU A 87 7.21 0.23 11.66
N GLY A 88 8.38 -0.18 12.17
CA GLY A 88 8.84 -1.56 12.02
C GLY A 88 10.00 -1.65 11.03
N ASP A 89 11.01 -2.44 11.40
CA ASP A 89 12.18 -2.62 10.58
C ASP A 89 12.53 -4.12 10.55
N CYS A 90 13.82 -4.46 10.58
CA CYS A 90 14.24 -5.87 10.56
C CYS A 90 15.45 -6.09 11.46
N SER A 91 15.31 -7.03 12.40
CA SER A 91 16.40 -7.34 13.33
C SER A 91 17.25 -8.53 12.85
N ALA A 92 16.87 -9.14 11.73
CA ALA A 92 17.59 -10.28 11.18
C ALA A 92 19.02 -9.90 10.82
N CYS A 93 19.23 -8.65 10.39
CA CYS A 93 20.55 -8.17 10.01
C CYS A 93 21.44 -8.06 11.24
N LEU A 94 22.73 -8.19 11.00
CA LEU A 94 23.73 -8.11 12.08
C LEU A 94 23.39 -9.09 13.22
N SER A 95 22.74 -10.21 12.86
CA SER A 95 22.36 -11.22 13.84
C SER A 95 23.34 -12.39 13.79
N ASP A 96 23.75 -12.86 14.97
CA ASP A 96 24.68 -13.99 15.06
C ASP A 96 23.92 -15.32 15.15
N GLY A 97 24.67 -16.42 15.07
CA GLY A 97 24.07 -17.76 15.14
C GLY A 97 23.19 -18.02 13.92
N VAL A 98 23.52 -17.40 12.79
CA VAL A 98 22.76 -17.55 11.57
C VAL A 98 23.70 -17.53 10.35
N ASP A 99 23.31 -18.26 9.30
CA ASP A 99 24.11 -18.34 8.07
C ASP A 99 25.55 -18.76 8.39
N SER A 100 25.67 -19.70 9.34
CA SER A 100 26.97 -20.22 9.75
C SER A 100 27.64 -20.99 8.61
N GLY A 101 26.84 -21.74 7.85
CA GLY A 101 27.36 -22.55 6.74
C GLY A 101 28.05 -21.70 5.69
N SER A 102 27.47 -20.55 5.36
CA SER A 102 28.05 -19.66 4.35
C SER A 102 29.45 -19.19 4.76
N SER A 103 29.65 -19.02 6.07
CA SER A 103 30.94 -18.58 6.60
C SER A 103 32.01 -19.63 6.33
N HIS A 104 33.24 -19.18 6.14
CA HIS A 104 34.36 -20.08 5.86
C HIS A 104 35.42 -19.96 6.96
N HIS A 105 35.97 -21.12 7.35
CA HIS A 105 37.00 -21.15 8.38
C HIS A 105 38.18 -22.02 7.93
N HIS A 106 39.38 -21.65 8.38
CA HIS A 106 40.59 -22.40 8.02
C HIS A 106 41.48 -22.62 9.24
N HIS A 107 42.19 -23.76 9.24
CA HIS A 107 43.07 -24.10 10.36
C HIS A 107 44.30 -23.19 10.37
N HIS A 108 44.77 -22.89 11.58
CA HIS A 108 45.94 -22.02 11.74
C HIS A 108 47.18 -22.67 11.14
N HIS A 109 47.31 -23.99 11.33
CA HIS A 109 48.46 -24.74 10.81
C HIS A 109 48.12 -25.34 9.45
N MET A 1 0.29 -2.08 6.47
CA MET A 1 -0.18 -3.47 6.78
C MET A 1 -0.90 -4.03 5.56
N THR A 2 -1.10 -5.35 5.56
CA THR A 2 -1.78 -6.03 4.45
C THR A 2 -3.15 -6.53 4.89
N LEU A 3 -3.95 -6.91 3.91
CA LEU A 3 -5.30 -7.42 4.16
C LEU A 3 -5.25 -8.71 4.96
N LYS A 4 -4.28 -9.54 4.65
CA LYS A 4 -4.13 -10.82 5.35
C LYS A 4 -3.96 -10.56 6.85
N GLU A 5 -3.05 -9.65 7.19
CA GLU A 5 -2.80 -9.31 8.59
C GLU A 5 -3.97 -8.54 9.20
N PHE A 6 -4.53 -7.61 8.43
CA PHE A 6 -5.65 -6.78 8.88
C PHE A 6 -6.89 -7.63 9.19
N ILE A 7 -7.23 -8.50 8.26
CA ILE A 7 -8.40 -9.37 8.39
C ILE A 7 -8.25 -10.26 9.62
N LYS A 8 -7.04 -10.77 9.86
CA LYS A 8 -6.79 -11.63 11.02
C LYS A 8 -7.14 -10.88 12.30
N SER A 9 -6.83 -9.58 12.33
CA SER A 9 -7.14 -8.75 13.48
C SER A 9 -8.66 -8.67 13.65
N LEU A 10 -9.36 -8.55 12.52
CA LEU A 10 -10.81 -8.48 12.51
C LEU A 10 -11.46 -9.76 12.98
N ARG A 11 -12.68 -9.61 13.48
CA ARG A 11 -13.46 -10.75 13.93
C ARG A 11 -14.17 -11.34 12.72
N VAL A 12 -14.53 -12.62 12.79
CA VAL A 12 -15.19 -13.28 11.66
C VAL A 12 -16.38 -12.45 11.14
N GLY A 13 -17.23 -11.98 12.07
CA GLY A 13 -18.38 -11.17 11.68
C GLY A 13 -17.95 -9.80 11.14
N ASP A 14 -16.94 -9.21 11.79
CA ASP A 14 -16.42 -7.89 11.40
C ASP A 14 -15.82 -7.91 9.99
N ALA A 15 -15.10 -8.98 9.69
CA ALA A 15 -14.46 -9.14 8.39
C ALA A 15 -15.50 -9.12 7.28
N LYS A 16 -16.66 -9.72 7.57
CA LYS A 16 -17.75 -9.77 6.61
C LYS A 16 -18.14 -8.35 6.21
N LYS A 17 -18.25 -7.48 7.22
CA LYS A 17 -18.60 -6.08 7.00
C LYS A 17 -17.53 -5.39 6.14
N PHE A 18 -16.26 -5.75 6.40
CA PHE A 18 -15.15 -5.17 5.66
C PHE A 18 -15.29 -5.44 4.16
N ALA A 19 -15.59 -6.69 3.82
CA ALA A 19 -15.77 -7.07 2.42
C ALA A 19 -16.86 -6.20 1.80
N ALA A 20 -17.84 -5.83 2.63
CA ALA A 20 -18.93 -4.97 2.19
C ALA A 20 -18.37 -3.63 1.70
N ARG A 21 -17.30 -3.16 2.34
CA ARG A 21 -16.70 -1.88 1.96
C ARG A 21 -16.26 -1.92 0.52
N LEU A 22 -15.69 -3.05 0.13
CA LEU A 22 -15.23 -3.26 -1.24
C LEU A 22 -16.35 -3.82 -2.11
N GLY A 23 -17.50 -4.16 -1.48
CA GLY A 23 -18.63 -4.73 -2.21
C GLY A 23 -18.27 -6.08 -2.81
N VAL A 24 -17.44 -6.86 -2.10
CA VAL A 24 -17.01 -8.17 -2.59
C VAL A 24 -17.37 -9.29 -1.61
N SER A 25 -17.30 -10.53 -2.10
CA SER A 25 -17.62 -11.70 -1.28
C SER A 25 -16.55 -11.90 -0.20
N PRO A 26 -16.87 -12.54 0.92
CA PRO A 26 -15.89 -12.75 2.03
C PRO A 26 -14.72 -13.62 1.59
N SER A 27 -15.00 -14.62 0.73
CA SER A 27 -13.96 -15.50 0.21
C SER A 27 -13.04 -14.73 -0.71
N TYR A 28 -13.63 -13.91 -1.59
CA TYR A 28 -12.88 -13.09 -2.52
C TYR A 28 -11.98 -12.12 -1.75
N LEU A 29 -12.56 -11.51 -0.73
CA LEU A 29 -11.83 -10.55 0.10
C LEU A 29 -10.52 -11.17 0.58
N SER A 30 -10.61 -12.42 1.02
CA SER A 30 -9.44 -13.15 1.51
C SER A 30 -8.44 -13.45 0.40
N GLN A 31 -8.91 -13.48 -0.86
CA GLN A 31 -8.04 -13.80 -1.99
C GLN A 31 -6.92 -12.78 -2.13
N MET A 32 -7.29 -11.51 -2.00
CA MET A 32 -6.31 -10.42 -2.13
C MET A 32 -5.29 -10.56 -1.01
N ALA A 33 -5.80 -10.93 0.17
CA ALA A 33 -4.97 -11.10 1.34
C ALA A 33 -3.93 -12.18 1.09
N SER A 34 -4.39 -13.27 0.49
CA SER A 34 -3.52 -14.40 0.16
C SER A 34 -2.58 -14.03 -0.98
N GLY A 35 -3.10 -13.24 -1.93
CA GLY A 35 -2.33 -12.85 -3.12
C GLY A 35 -2.61 -13.81 -4.27
N ARG A 36 -3.71 -14.57 -4.17
CA ARG A 36 -4.06 -15.54 -5.23
C ARG A 36 -5.12 -15.01 -6.19
N THR A 37 -5.24 -13.70 -6.24
CA THR A 37 -6.19 -13.04 -7.11
C THR A 37 -5.57 -11.76 -7.65
N ALA A 38 -6.25 -11.13 -8.61
CA ALA A 38 -5.76 -9.91 -9.20
C ALA A 38 -6.49 -8.70 -8.61
N ILE A 39 -5.71 -7.83 -7.98
CA ILE A 39 -6.26 -6.63 -7.35
C ILE A 39 -6.31 -5.48 -8.38
N SER A 40 -7.49 -4.93 -8.55
CA SER A 40 -7.71 -3.84 -9.51
C SER A 40 -7.27 -2.51 -8.89
N PRO A 41 -6.96 -1.48 -9.69
CA PRO A 41 -6.54 -0.16 -9.14
C PRO A 41 -7.66 0.47 -8.33
N THR A 42 -8.91 0.27 -8.78
CA THR A 42 -10.07 0.80 -8.06
C THR A 42 -10.21 0.08 -6.72
N ARG A 43 -10.01 -1.23 -6.74
CA ARG A 43 -10.08 -2.04 -5.51
C ARG A 43 -9.09 -1.55 -4.50
N ALA A 44 -7.89 -1.21 -4.95
CA ALA A 44 -6.87 -0.73 -4.03
C ALA A 44 -7.38 0.50 -3.27
N LEU A 45 -8.12 1.36 -3.98
CA LEU A 45 -8.71 2.54 -3.36
C LEU A 45 -9.76 2.12 -2.34
N MET A 46 -10.52 1.05 -2.65
CA MET A 46 -11.59 0.59 -1.77
C MET A 46 -11.05 0.18 -0.40
N ILE A 47 -10.01 -0.67 -0.38
CA ILE A 47 -9.41 -1.11 0.88
C ILE A 47 -8.82 0.08 1.63
N GLU A 48 -8.08 0.93 0.90
CA GLU A 48 -7.46 2.08 1.51
C GLU A 48 -8.51 2.97 2.15
N SER A 49 -9.65 3.11 1.47
CA SER A 49 -10.75 3.90 1.99
C SER A 49 -11.49 3.13 3.09
N ALA A 50 -11.45 1.80 2.98
CA ALA A 50 -12.11 0.92 3.93
C ALA A 50 -11.51 1.04 5.33
N THR A 51 -10.18 1.12 5.40
CA THR A 51 -9.49 1.20 6.70
C THR A 51 -8.89 2.57 6.91
N GLU A 52 -8.25 3.07 5.85
CA GLU A 52 -7.59 4.37 5.87
C GLU A 52 -6.59 4.52 7.04
N GLY A 53 -6.29 3.42 7.74
CA GLY A 53 -5.36 3.48 8.88
C GLY A 53 -4.31 2.37 8.85
N GLN A 54 -4.68 1.21 8.29
CA GLN A 54 -3.76 0.07 8.25
C GLN A 54 -3.31 -0.26 6.81
N VAL A 55 -4.20 -0.86 6.01
CA VAL A 55 -3.86 -1.22 4.64
C VAL A 55 -3.91 0.03 3.75
N SER A 56 -2.84 0.23 2.99
CA SER A 56 -2.72 1.39 2.10
C SER A 56 -2.64 0.94 0.64
N ARG A 57 -2.77 1.92 -0.25
CA ARG A 57 -2.71 1.65 -1.69
C ARG A 57 -1.35 1.05 -2.06
N ALA A 58 -0.32 1.61 -1.46
CA ALA A 58 1.07 1.17 -1.68
C ALA A 58 1.29 -0.25 -1.18
N GLU A 59 0.66 -0.60 -0.06
CA GLU A 59 0.84 -1.93 0.54
C GLU A 59 0.36 -3.03 -0.39
N LEU A 60 -0.78 -2.80 -1.02
CA LEU A 60 -1.36 -3.79 -1.93
C LEU A 60 -0.46 -4.04 -3.13
N ARG A 61 0.00 -2.94 -3.74
CA ARG A 61 0.90 -3.03 -4.90
C ARG A 61 2.04 -2.00 -4.75
N PRO A 62 3.02 -2.26 -3.89
CA PRO A 62 4.15 -1.30 -3.66
C PRO A 62 4.95 -0.99 -4.94
N HIS A 63 4.91 -1.91 -5.90
CA HIS A 63 5.65 -1.73 -7.15
C HIS A 63 4.80 -1.09 -8.26
N ASP A 64 3.50 -1.42 -8.31
CA ASP A 64 2.61 -0.91 -9.36
C ASP A 64 1.87 0.36 -8.98
N TRP A 65 1.71 0.61 -7.67
CA TRP A 65 0.98 1.82 -7.24
C TRP A 65 1.66 3.07 -7.80
N GLU A 66 2.99 2.97 -7.95
CA GLU A 66 3.77 4.07 -8.50
C GLU A 66 3.49 4.27 -10.00
N LEU A 67 2.90 3.25 -10.64
CA LEU A 67 2.59 3.30 -12.07
C LEU A 67 1.11 3.65 -12.25
N ILE A 68 0.29 3.14 -11.33
CA ILE A 68 -1.16 3.36 -11.33
C ILE A 68 -1.48 4.79 -10.89
N TRP A 69 -0.75 5.28 -9.88
CA TRP A 69 -0.97 6.64 -9.35
C TRP A 69 0.39 7.37 -9.30
N PRO A 70 1.04 7.56 -10.44
CA PRO A 70 2.36 8.23 -10.52
C PRO A 70 2.28 9.73 -10.25
N GLU A 71 1.16 10.36 -10.59
CA GLU A 71 1.00 11.80 -10.36
C GLU A 71 1.07 12.09 -8.85
N TYR A 72 0.48 11.18 -8.08
CA TYR A 72 0.45 11.30 -6.63
C TYR A 72 1.79 10.87 -6.02
N ALA A 73 2.29 9.73 -6.47
CA ALA A 73 3.55 9.19 -5.97
C ALA A 73 4.69 10.14 -6.28
N SER A 74 4.61 10.77 -7.44
CA SER A 74 5.64 11.72 -7.86
C SER A 74 5.62 12.95 -6.95
N GLY A 75 4.44 13.26 -6.39
CA GLY A 75 4.26 14.39 -5.51
C GLY A 75 4.97 14.18 -4.18
N ILE A 76 4.89 12.96 -3.65
CA ILE A 76 5.50 12.64 -2.37
C ILE A 76 7.03 12.51 -2.49
N ARG A 77 7.50 12.09 -3.67
CA ARG A 77 8.93 11.93 -3.92
C ARG A 77 9.65 13.28 -4.00
N LEU A 78 8.89 14.33 -4.36
CA LEU A 78 9.44 15.68 -4.49
C LEU A 78 10.27 16.08 -3.26
N GLY A 79 10.03 15.42 -2.12
CA GLY A 79 10.76 15.73 -0.88
C GLY A 79 9.85 16.36 0.18
N GLN A 80 8.54 16.30 -0.04
CA GLN A 80 7.56 16.84 0.90
C GLN A 80 7.14 15.80 1.93
N THR A 81 7.30 14.52 1.58
CA THR A 81 6.93 13.43 2.48
C THR A 81 8.13 12.76 3.13
N HIS A 82 9.32 13.32 2.95
CA HIS A 82 10.53 12.74 3.55
C HIS A 82 10.75 13.32 4.96
N VAL A 83 9.70 13.93 5.52
CA VAL A 83 9.76 14.52 6.87
C VAL A 83 9.39 13.44 7.88
N VAL A 84 8.21 12.86 7.66
CA VAL A 84 7.69 11.80 8.53
C VAL A 84 6.76 10.89 7.73
N HIS A 85 6.76 9.60 8.07
CA HIS A 85 5.90 8.63 7.37
C HIS A 85 4.52 8.63 8.00
N ALA A 86 3.58 9.23 7.30
CA ALA A 86 2.19 9.31 7.76
C ALA A 86 1.24 9.52 6.59
N GLU A 87 -0.02 9.12 6.78
CA GLU A 87 -1.03 9.26 5.74
C GLU A 87 -2.26 9.97 6.29
N GLY A 88 -2.93 10.77 5.44
CA GLY A 88 -4.11 11.50 5.84
C GLY A 88 -3.78 12.97 6.10
N ASP A 89 -4.67 13.84 5.64
CA ASP A 89 -4.50 15.29 5.82
C ASP A 89 -5.86 15.95 6.05
N CYS A 90 -6.13 16.28 7.31
CA CYS A 90 -7.39 16.92 7.69
C CYS A 90 -7.18 18.41 7.94
N SER A 91 -8.05 19.22 7.33
CA SER A 91 -7.97 20.68 7.48
C SER A 91 -8.22 21.09 8.93
N ALA A 92 -9.14 20.38 9.60
CA ALA A 92 -9.48 20.67 10.98
C ALA A 92 -8.26 20.49 11.90
N CYS A 93 -7.41 19.52 11.57
CA CYS A 93 -6.19 19.25 12.34
C CYS A 93 -6.46 18.92 13.82
N LEU A 94 -7.72 18.72 14.14
CA LEU A 94 -8.18 18.39 15.50
C LEU A 94 -7.35 19.10 16.58
N SER A 95 -7.04 20.37 16.34
CA SER A 95 -6.25 21.17 17.28
C SER A 95 -7.07 21.48 18.53
N ASP A 96 -6.37 21.86 19.61
CA ASP A 96 -7.03 22.20 20.86
C ASP A 96 -8.01 23.35 20.67
N GLY A 97 -9.19 23.23 21.29
CA GLY A 97 -10.21 24.26 21.18
C GLY A 97 -9.70 25.59 21.73
N VAL A 98 -8.94 25.52 22.83
CA VAL A 98 -8.38 26.71 23.45
C VAL A 98 -7.13 27.13 22.67
N ASP A 99 -7.09 28.41 22.31
CA ASP A 99 -5.96 28.96 21.55
C ASP A 99 -4.98 29.73 22.44
N SER A 100 -5.23 29.76 23.75
CA SER A 100 -4.38 30.46 24.69
C SER A 100 -2.97 29.86 24.69
N GLY A 101 -2.91 28.53 24.66
CA GLY A 101 -1.63 27.82 24.66
C GLY A 101 -0.81 28.19 23.43
N SER A 102 -1.48 28.24 22.27
CA SER A 102 -0.82 28.57 21.01
C SER A 102 -0.28 30.00 21.07
N SER A 103 -1.09 30.90 21.63
CA SER A 103 -0.71 32.31 21.75
C SER A 103 0.39 32.47 22.80
N HIS A 104 1.35 33.35 22.50
CA HIS A 104 2.47 33.61 23.41
C HIS A 104 1.93 34.23 24.71
N HIS A 105 2.49 33.80 25.84
CA HIS A 105 2.07 34.32 27.14
C HIS A 105 2.48 35.78 27.30
N HIS A 106 1.62 36.56 27.95
CA HIS A 106 1.89 37.99 28.18
C HIS A 106 1.55 38.37 29.62
N HIS A 107 2.29 39.35 30.14
CA HIS A 107 2.07 39.82 31.52
C HIS A 107 2.00 41.34 31.56
N HIS A 108 1.21 41.86 32.51
CA HIS A 108 1.04 43.31 32.66
C HIS A 108 2.40 43.96 32.95
N HIS A 109 3.14 43.36 33.88
CA HIS A 109 4.46 43.88 34.26
C HIS A 109 5.56 43.12 33.54
N MET A 1 0.25 -1.79 6.74
CA MET A 1 -0.37 -3.11 7.08
C MET A 1 -0.83 -3.80 5.81
N THR A 2 -1.29 -5.03 5.96
CA THR A 2 -1.78 -5.83 4.83
C THR A 2 -3.18 -6.32 5.14
N LEU A 3 -3.91 -6.71 4.11
CA LEU A 3 -5.27 -7.22 4.27
C LEU A 3 -5.29 -8.48 5.10
N LYS A 4 -4.30 -9.33 4.86
CA LYS A 4 -4.21 -10.61 5.58
C LYS A 4 -4.11 -10.34 7.08
N GLU A 5 -3.20 -9.44 7.46
CA GLU A 5 -3.00 -9.08 8.86
C GLU A 5 -4.18 -8.26 9.39
N PHE A 6 -4.68 -7.35 8.56
CA PHE A 6 -5.81 -6.50 8.94
C PHE A 6 -7.02 -7.37 9.25
N ILE A 7 -7.33 -8.27 8.33
CA ILE A 7 -8.46 -9.19 8.47
C ILE A 7 -8.23 -10.08 9.69
N LYS A 8 -6.99 -10.51 9.87
CA LYS A 8 -6.62 -11.35 11.00
C LYS A 8 -7.02 -10.66 12.30
N SER A 9 -6.80 -9.35 12.35
CA SER A 9 -7.17 -8.56 13.51
C SER A 9 -8.69 -8.56 13.65
N LEU A 10 -9.38 -8.44 12.51
CA LEU A 10 -10.83 -8.42 12.49
C LEU A 10 -11.40 -9.78 12.88
N ARG A 11 -12.64 -9.74 13.37
CA ARG A 11 -13.35 -10.94 13.76
C ARG A 11 -14.03 -11.50 12.50
N VAL A 12 -14.40 -12.78 12.52
CA VAL A 12 -15.04 -13.40 11.36
C VAL A 12 -16.25 -12.57 10.90
N GLY A 13 -17.11 -12.18 11.84
CA GLY A 13 -18.29 -11.39 11.53
C GLY A 13 -17.91 -9.98 11.04
N ASP A 14 -16.92 -9.39 11.72
CA ASP A 14 -16.45 -8.05 11.39
C ASP A 14 -15.85 -7.99 9.99
N ALA A 15 -15.09 -9.02 9.65
CA ALA A 15 -14.44 -9.10 8.34
C ALA A 15 -15.46 -9.09 7.22
N LYS A 16 -16.62 -9.70 7.49
CA LYS A 16 -17.69 -9.77 6.50
C LYS A 16 -18.08 -8.36 6.07
N LYS A 17 -18.20 -7.47 7.06
CA LYS A 17 -18.56 -6.09 6.77
C LYS A 17 -17.49 -5.42 5.90
N PHE A 18 -16.22 -5.75 6.18
CA PHE A 18 -15.11 -5.18 5.44
C PHE A 18 -15.22 -5.54 3.96
N ALA A 19 -15.48 -6.82 3.69
CA ALA A 19 -15.65 -7.29 2.32
C ALA A 19 -16.80 -6.56 1.66
N ALA A 20 -17.83 -6.26 2.47
CA ALA A 20 -19.00 -5.53 2.00
C ALA A 20 -18.61 -4.15 1.47
N ARG A 21 -17.62 -3.53 2.12
CA ARG A 21 -17.16 -2.20 1.73
C ARG A 21 -16.68 -2.22 0.30
N LEU A 22 -15.98 -3.28 -0.05
CA LEU A 22 -15.45 -3.43 -1.40
C LEU A 22 -16.48 -4.09 -2.32
N GLY A 23 -17.62 -4.54 -1.74
CA GLY A 23 -18.66 -5.19 -2.51
C GLY A 23 -18.19 -6.53 -3.05
N VAL A 24 -17.34 -7.23 -2.28
CA VAL A 24 -16.80 -8.52 -2.72
C VAL A 24 -17.11 -9.62 -1.70
N SER A 25 -16.96 -10.87 -2.14
CA SER A 25 -17.21 -12.03 -1.29
C SER A 25 -16.15 -12.13 -0.19
N PRO A 26 -16.45 -12.77 0.95
CA PRO A 26 -15.46 -12.89 2.06
C PRO A 26 -14.25 -13.71 1.65
N SER A 27 -14.46 -14.72 0.82
CA SER A 27 -13.36 -15.55 0.34
C SER A 27 -12.48 -14.76 -0.62
N TYR A 28 -13.12 -13.98 -1.50
CA TYR A 28 -12.41 -13.14 -2.45
C TYR A 28 -11.54 -12.14 -1.71
N LEU A 29 -12.11 -11.52 -0.69
CA LEU A 29 -11.40 -10.55 0.12
C LEU A 29 -10.08 -11.15 0.63
N SER A 30 -10.16 -12.42 1.02
CA SER A 30 -9.00 -13.15 1.50
C SER A 30 -7.98 -13.35 0.36
N GLN A 31 -8.47 -13.53 -0.87
CA GLN A 31 -7.60 -13.79 -2.02
C GLN A 31 -6.56 -12.70 -2.20
N MET A 32 -7.00 -11.44 -2.22
CA MET A 32 -6.08 -10.32 -2.40
C MET A 32 -5.09 -10.26 -1.24
N ALA A 33 -5.59 -10.60 -0.05
CA ALA A 33 -4.74 -10.62 1.14
C ALA A 33 -3.62 -11.64 0.95
N SER A 34 -3.98 -12.80 0.43
CA SER A 34 -3.03 -13.87 0.16
C SER A 34 -2.11 -13.50 -1.00
N GLY A 35 -2.68 -12.82 -1.99
CA GLY A 35 -1.95 -12.42 -3.20
C GLY A 35 -2.22 -13.40 -4.36
N ARG A 36 -3.23 -14.27 -4.19
CA ARG A 36 -3.58 -15.25 -5.23
C ARG A 36 -4.65 -14.74 -6.20
N THR A 37 -4.85 -13.43 -6.23
CA THR A 37 -5.83 -12.83 -7.10
C THR A 37 -5.30 -11.48 -7.61
N ALA A 38 -6.09 -10.81 -8.45
CA ALA A 38 -5.70 -9.53 -9.01
C ALA A 38 -6.57 -8.42 -8.43
N ILE A 39 -5.91 -7.37 -7.97
CA ILE A 39 -6.60 -6.23 -7.36
C ILE A 39 -6.68 -5.09 -8.39
N SER A 40 -7.91 -4.62 -8.62
CA SER A 40 -8.15 -3.53 -9.56
C SER A 40 -7.73 -2.19 -8.93
N PRO A 41 -7.42 -1.16 -9.72
CA PRO A 41 -7.01 0.16 -9.16
C PRO A 41 -8.12 0.74 -8.28
N THR A 42 -9.37 0.47 -8.65
CA THR A 42 -10.53 0.93 -7.89
C THR A 42 -10.59 0.17 -6.56
N ARG A 43 -10.31 -1.14 -6.63
CA ARG A 43 -10.33 -2.00 -5.44
C ARG A 43 -9.33 -1.53 -4.41
N ALA A 44 -8.13 -1.20 -4.86
CA ALA A 44 -7.10 -0.75 -3.93
C ALA A 44 -7.57 0.48 -3.17
N LEU A 45 -8.26 1.36 -3.89
CA LEU A 45 -8.80 2.57 -3.31
C LEU A 45 -9.92 2.24 -2.32
N MET A 46 -10.70 1.19 -2.61
CA MET A 46 -11.82 0.80 -1.74
C MET A 46 -11.33 0.44 -0.34
N ILE A 47 -10.27 -0.37 -0.27
CA ILE A 47 -9.70 -0.78 1.02
C ILE A 47 -9.18 0.43 1.81
N GLU A 48 -8.41 1.30 1.14
CA GLU A 48 -7.85 2.47 1.81
C GLU A 48 -8.95 3.31 2.43
N SER A 49 -10.06 3.42 1.73
CA SER A 49 -11.20 4.17 2.22
C SER A 49 -11.82 3.44 3.40
N ALA A 50 -11.83 2.11 3.30
CA ALA A 50 -12.42 1.26 4.31
C ALA A 50 -11.70 1.35 5.67
N THR A 51 -10.37 1.36 5.64
CA THR A 51 -9.59 1.38 6.90
C THR A 51 -8.97 2.75 7.14
N GLU A 52 -8.42 3.30 6.07
CA GLU A 52 -7.76 4.61 6.10
C GLU A 52 -6.61 4.70 7.09
N GLY A 53 -6.30 3.62 7.82
CA GLY A 53 -5.23 3.66 8.82
C GLY A 53 -4.27 2.47 8.76
N GLN A 54 -4.72 1.34 8.21
CA GLN A 54 -3.88 0.12 8.18
C GLN A 54 -3.36 -0.22 6.78
N VAL A 55 -4.28 -0.59 5.88
CA VAL A 55 -3.89 -0.99 4.53
C VAL A 55 -3.98 0.20 3.57
N SER A 56 -2.88 0.45 2.85
CA SER A 56 -2.81 1.54 1.89
C SER A 56 -2.73 1.02 0.47
N ARG A 57 -2.84 1.92 -0.50
CA ARG A 57 -2.79 1.57 -1.91
C ARG A 57 -1.44 0.91 -2.24
N ALA A 58 -0.38 1.48 -1.69
CA ALA A 58 0.98 0.98 -1.91
C ALA A 58 1.17 -0.43 -1.36
N GLU A 59 0.57 -0.70 -0.19
CA GLU A 59 0.71 -2.02 0.43
C GLU A 59 0.09 -3.10 -0.44
N LEU A 60 -1.07 -2.79 -1.02
CA LEU A 60 -1.78 -3.75 -1.86
C LEU A 60 -0.99 -4.05 -3.12
N ARG A 61 -0.49 -3.00 -3.76
CA ARG A 61 0.31 -3.14 -4.98
C ARG A 61 1.55 -2.23 -4.89
N PRO A 62 2.57 -2.59 -4.12
CA PRO A 62 3.80 -1.75 -3.97
C PRO A 62 4.52 -1.47 -5.29
N HIS A 63 4.35 -2.37 -6.26
CA HIS A 63 5.00 -2.21 -7.56
C HIS A 63 4.12 -1.47 -8.59
N ASP A 64 2.81 -1.71 -8.55
CA ASP A 64 1.89 -1.11 -9.52
C ASP A 64 1.30 0.21 -9.06
N TRP A 65 1.26 0.46 -7.74
CA TRP A 65 0.67 1.71 -7.24
C TRP A 65 1.42 2.90 -7.85
N GLU A 66 2.72 2.69 -8.08
CA GLU A 66 3.56 3.72 -8.67
C GLU A 66 3.19 3.97 -10.14
N LEU A 67 2.45 3.03 -10.74
CA LEU A 67 2.04 3.15 -12.15
C LEU A 67 0.58 3.61 -12.22
N ILE A 68 -0.21 3.14 -11.26
CA ILE A 68 -1.63 3.47 -11.17
C ILE A 68 -1.82 4.91 -10.66
N TRP A 69 -1.01 5.29 -9.68
CA TRP A 69 -1.09 6.64 -9.08
C TRP A 69 0.33 7.28 -9.10
N PRO A 70 0.92 7.44 -10.28
CA PRO A 70 2.29 8.03 -10.41
C PRO A 70 2.33 9.51 -10.11
N GLU A 71 1.22 10.21 -10.33
CA GLU A 71 1.17 11.65 -10.05
C GLU A 71 1.34 11.88 -8.54
N TYR A 72 0.68 11.03 -7.75
CA TYR A 72 0.75 11.09 -6.30
C TYR A 72 2.13 10.66 -5.81
N ALA A 73 2.57 9.52 -6.35
CA ALA A 73 3.87 8.96 -6.00
C ALA A 73 4.99 9.91 -6.37
N SER A 74 4.83 10.58 -7.50
CA SER A 74 5.84 11.53 -7.97
C SER A 74 6.02 12.66 -6.97
N GLY A 75 4.92 13.05 -6.33
CA GLY A 75 4.92 14.13 -5.36
C GLY A 75 5.70 13.79 -4.08
N ILE A 76 5.54 12.56 -3.60
CA ILE A 76 6.21 12.14 -2.36
C ILE A 76 7.72 12.00 -2.54
N ARG A 77 8.16 11.63 -3.75
CA ARG A 77 9.59 11.47 -4.02
C ARG A 77 10.31 12.82 -3.91
N LEU A 78 9.62 13.88 -4.30
CA LEU A 78 10.17 15.23 -4.26
C LEU A 78 10.72 15.55 -2.87
N GLY A 79 10.11 14.97 -1.83
CA GLY A 79 10.54 15.20 -0.45
C GLY A 79 9.54 16.02 0.36
N GLN A 80 8.33 16.22 -0.19
CA GLN A 80 7.27 16.98 0.50
C GLN A 80 6.47 16.06 1.45
N THR A 81 7.04 14.90 1.79
CA THR A 81 6.37 13.93 2.67
C THR A 81 6.35 14.39 4.13
N HIS A 82 6.86 15.59 4.41
CA HIS A 82 6.86 16.13 5.77
C HIS A 82 5.46 16.15 6.38
N VAL A 83 4.46 16.03 5.53
CA VAL A 83 3.05 16.03 5.97
C VAL A 83 2.83 14.84 6.89
N VAL A 84 3.29 13.69 6.43
CA VAL A 84 3.17 12.44 7.19
C VAL A 84 4.55 11.85 7.43
N HIS A 85 4.82 11.47 8.68
CA HIS A 85 6.11 10.91 9.04
C HIS A 85 6.20 9.45 8.62
N ALA A 86 6.97 9.20 7.57
CA ALA A 86 7.17 7.86 7.04
C ALA A 86 8.57 7.71 6.48
N GLU A 87 9.09 6.48 6.46
CA GLU A 87 10.43 6.21 5.94
C GLU A 87 10.40 5.10 4.90
N GLY A 88 11.34 5.17 3.95
CA GLY A 88 11.44 4.18 2.89
C GLY A 88 11.41 4.83 1.51
N ASP A 89 12.54 4.78 0.81
CA ASP A 89 12.65 5.36 -0.53
C ASP A 89 13.64 4.56 -1.37
N CYS A 90 13.11 3.69 -2.23
CA CYS A 90 13.96 2.86 -3.10
C CYS A 90 13.91 3.30 -4.56
N SER A 91 12.88 4.07 -4.92
CA SER A 91 12.72 4.56 -6.29
C SER A 91 13.90 5.45 -6.70
N ALA A 92 14.41 6.21 -5.73
CA ALA A 92 15.52 7.13 -5.97
C ALA A 92 16.78 6.38 -6.45
N CYS A 93 16.95 5.14 -5.97
CA CYS A 93 18.11 4.33 -6.34
C CYS A 93 17.70 3.12 -7.17
N LEU A 94 18.61 2.68 -8.03
CA LEU A 94 18.35 1.52 -8.90
C LEU A 94 19.67 0.89 -9.35
N SER A 95 20.69 0.96 -8.49
CA SER A 95 22.00 0.38 -8.81
C SER A 95 22.18 -0.97 -8.12
N ASP A 96 22.61 -1.96 -8.88
CA ASP A 96 22.84 -3.31 -8.36
C ASP A 96 24.24 -3.43 -7.78
N GLY A 97 24.50 -4.56 -7.10
CA GLY A 97 25.81 -4.79 -6.47
C GLY A 97 26.92 -4.80 -7.52
N VAL A 98 26.69 -5.48 -8.64
CA VAL A 98 27.68 -5.57 -9.70
C VAL A 98 27.04 -5.27 -11.06
N ASP A 99 27.84 -4.73 -11.98
CA ASP A 99 27.35 -4.40 -13.31
C ASP A 99 28.42 -4.71 -14.37
N SER A 100 28.20 -5.78 -15.13
CA SER A 100 29.14 -6.19 -16.16
C SER A 100 29.28 -5.11 -17.23
N GLY A 101 28.16 -4.48 -17.58
CA GLY A 101 28.17 -3.43 -18.61
C GLY A 101 29.06 -2.27 -18.19
N SER A 102 28.99 -1.91 -16.90
CA SER A 102 29.80 -0.81 -16.36
C SER A 102 31.16 -1.30 -15.83
N SER A 103 31.36 -2.63 -15.79
CA SER A 103 32.61 -3.20 -15.30
C SER A 103 33.77 -2.83 -16.23
N HIS A 104 34.92 -2.54 -15.64
CA HIS A 104 36.12 -2.18 -16.40
C HIS A 104 37.24 -3.17 -16.13
N HIS A 105 38.09 -3.39 -17.13
CA HIS A 105 39.22 -4.32 -17.00
C HIS A 105 40.52 -3.66 -17.42
N HIS A 106 41.59 -3.96 -16.69
CA HIS A 106 42.91 -3.39 -16.96
C HIS A 106 44.01 -4.27 -16.38
N HIS A 107 45.25 -4.00 -16.77
CA HIS A 107 46.39 -4.78 -16.29
C HIS A 107 46.72 -4.39 -14.85
N HIS A 108 46.27 -5.21 -13.90
CA HIS A 108 46.52 -4.96 -12.48
C HIS A 108 48.01 -5.05 -12.16
N HIS A 109 48.68 -6.03 -12.77
CA HIS A 109 50.10 -6.25 -12.55
C HIS A 109 50.63 -7.32 -13.49
N MET A 1 0.13 -1.79 6.59
CA MET A 1 -0.44 -3.11 6.96
C MET A 1 -0.97 -3.80 5.71
N THR A 2 -1.42 -5.04 5.87
CA THR A 2 -1.96 -5.83 4.77
C THR A 2 -3.30 -6.41 5.16
N LEU A 3 -4.10 -6.81 4.17
CA LEU A 3 -5.41 -7.40 4.46
C LEU A 3 -5.28 -8.67 5.27
N LYS A 4 -4.19 -9.42 5.06
CA LYS A 4 -4.00 -10.67 5.78
C LYS A 4 -3.94 -10.39 7.28
N GLU A 5 -3.11 -9.41 7.65
CA GLU A 5 -2.97 -9.01 9.05
C GLU A 5 -4.19 -8.25 9.56
N PHE A 6 -4.72 -7.36 8.72
CA PHE A 6 -5.89 -6.56 9.07
C PHE A 6 -7.10 -7.46 9.34
N ILE A 7 -7.36 -8.33 8.38
CA ILE A 7 -8.49 -9.27 8.48
C ILE A 7 -8.29 -10.17 9.70
N LYS A 8 -7.03 -10.59 9.92
CA LYS A 8 -6.68 -11.42 11.05
C LYS A 8 -7.13 -10.73 12.35
N SER A 9 -6.93 -9.41 12.41
CA SER A 9 -7.34 -8.63 13.55
C SER A 9 -8.86 -8.65 13.67
N LEU A 10 -9.52 -8.56 12.51
CA LEU A 10 -10.98 -8.56 12.45
C LEU A 10 -11.55 -9.93 12.81
N ARG A 11 -12.80 -9.89 13.28
CA ARG A 11 -13.52 -11.10 13.63
C ARG A 11 -14.10 -11.71 12.35
N VAL A 12 -14.61 -12.94 12.44
CA VAL A 12 -15.16 -13.61 11.26
C VAL A 12 -16.30 -12.78 10.71
N GLY A 13 -17.21 -12.41 11.61
CA GLY A 13 -18.36 -11.61 11.26
C GLY A 13 -17.96 -10.20 10.81
N ASP A 14 -17.01 -9.59 11.53
CA ASP A 14 -16.54 -8.26 11.20
C ASP A 14 -15.87 -8.21 9.84
N ALA A 15 -15.09 -9.24 9.55
CA ALA A 15 -14.37 -9.33 8.28
C ALA A 15 -15.36 -9.34 7.12
N LYS A 16 -16.51 -9.98 7.34
CA LYS A 16 -17.55 -10.05 6.33
C LYS A 16 -17.98 -8.64 5.95
N LYS A 17 -18.17 -7.80 6.98
CA LYS A 17 -18.56 -6.42 6.76
C LYS A 17 -17.49 -5.68 5.95
N PHE A 18 -16.22 -5.98 6.24
CA PHE A 18 -15.11 -5.36 5.54
C PHE A 18 -15.22 -5.64 4.05
N ALA A 19 -15.48 -6.90 3.72
CA ALA A 19 -15.65 -7.31 2.32
C ALA A 19 -16.81 -6.52 1.71
N ALA A 20 -17.82 -6.25 2.54
CA ALA A 20 -18.98 -5.48 2.13
C ALA A 20 -18.56 -4.08 1.68
N ARG A 21 -17.53 -3.52 2.33
CA ARG A 21 -17.05 -2.19 1.97
C ARG A 21 -16.63 -2.15 0.52
N LEU A 22 -15.98 -3.22 0.10
CA LEU A 22 -15.52 -3.34 -1.28
C LEU A 22 -16.60 -3.98 -2.15
N GLY A 23 -17.69 -4.47 -1.53
CA GLY A 23 -18.76 -5.11 -2.27
C GLY A 23 -18.28 -6.42 -2.89
N VAL A 24 -17.40 -7.14 -2.18
CA VAL A 24 -16.85 -8.40 -2.69
C VAL A 24 -17.14 -9.56 -1.74
N SER A 25 -16.95 -10.78 -2.24
CA SER A 25 -17.18 -11.99 -1.45
C SER A 25 -16.10 -12.14 -0.37
N PRO A 26 -16.37 -12.85 0.73
CA PRO A 26 -15.36 -13.03 1.81
C PRO A 26 -14.13 -13.79 1.33
N SER A 27 -14.36 -14.76 0.45
CA SER A 27 -13.24 -15.55 -0.10
C SER A 27 -12.36 -14.67 -0.99
N TYR A 28 -13.00 -13.85 -1.81
CA TYR A 28 -12.31 -12.93 -2.72
C TYR A 28 -11.47 -11.95 -1.91
N LEU A 29 -12.08 -11.39 -0.87
CA LEU A 29 -11.42 -10.42 0.00
C LEU A 29 -10.09 -11.02 0.50
N SER A 30 -10.15 -12.29 0.85
CA SER A 30 -8.98 -13.03 1.33
C SER A 30 -7.91 -13.13 0.23
N GLN A 31 -8.35 -13.26 -1.02
CA GLN A 31 -7.42 -13.43 -2.14
C GLN A 31 -6.41 -12.29 -2.19
N MET A 32 -6.89 -11.06 -2.06
CA MET A 32 -6.00 -9.88 -2.11
C MET A 32 -5.00 -9.99 -0.95
N ALA A 33 -5.50 -10.48 0.18
CA ALA A 33 -4.69 -10.64 1.37
C ALA A 33 -3.53 -11.58 1.09
N SER A 34 -3.85 -12.70 0.42
CA SER A 34 -2.86 -13.69 0.05
C SER A 34 -1.95 -13.16 -1.06
N GLY A 35 -2.55 -12.41 -1.98
CA GLY A 35 -1.84 -11.88 -3.13
C GLY A 35 -2.01 -12.79 -4.35
N ARG A 36 -3.02 -13.67 -4.31
CA ARG A 36 -3.26 -14.63 -5.41
C ARG A 36 -4.34 -14.16 -6.38
N THR A 37 -4.64 -12.89 -6.36
CA THR A 37 -5.65 -12.32 -7.24
C THR A 37 -5.18 -10.96 -7.74
N ALA A 38 -5.87 -10.45 -8.74
CA ALA A 38 -5.53 -9.15 -9.30
C ALA A 38 -6.41 -8.08 -8.70
N ILE A 39 -5.78 -7.18 -7.94
CA ILE A 39 -6.51 -6.10 -7.28
C ILE A 39 -6.72 -4.95 -8.28
N SER A 40 -7.98 -4.55 -8.43
CA SER A 40 -8.33 -3.47 -9.34
C SER A 40 -7.82 -2.15 -8.78
N PRO A 41 -7.49 -1.17 -9.61
CA PRO A 41 -6.99 0.15 -9.10
C PRO A 41 -8.03 0.84 -8.24
N THR A 42 -9.30 0.72 -8.65
CA THR A 42 -10.40 1.30 -7.89
C THR A 42 -10.57 0.57 -6.56
N ARG A 43 -10.44 -0.76 -6.61
CA ARG A 43 -10.56 -1.60 -5.42
C ARG A 43 -9.54 -1.21 -4.37
N ALA A 44 -8.33 -0.88 -4.82
CA ALA A 44 -7.27 -0.50 -3.90
C ALA A 44 -7.72 0.71 -3.07
N LEU A 45 -8.42 1.64 -3.73
CA LEU A 45 -8.94 2.82 -3.04
C LEU A 45 -10.01 2.42 -2.03
N MET A 46 -10.81 1.39 -2.38
CA MET A 46 -11.90 0.95 -1.49
C MET A 46 -11.37 0.50 -0.13
N ILE A 47 -10.35 -0.34 -0.13
CA ILE A 47 -9.77 -0.83 1.12
C ILE A 47 -9.18 0.33 1.92
N GLU A 48 -8.44 1.20 1.25
CA GLU A 48 -7.81 2.34 1.92
C GLU A 48 -8.88 3.18 2.59
N SER A 49 -10.00 3.36 1.90
CA SER A 49 -11.14 4.11 2.45
C SER A 49 -11.81 3.31 3.55
N ALA A 50 -11.83 1.99 3.36
CA ALA A 50 -12.48 1.07 4.28
C ALA A 50 -11.86 1.12 5.68
N THR A 51 -10.52 1.22 5.75
CA THR A 51 -9.83 1.24 7.06
C THR A 51 -9.19 2.58 7.32
N GLU A 52 -8.54 3.10 6.28
CA GLU A 52 -7.84 4.39 6.35
C GLU A 52 -6.84 4.45 7.50
N GLY A 53 -6.53 3.32 8.15
CA GLY A 53 -5.58 3.32 9.27
C GLY A 53 -4.55 2.19 9.18
N GLN A 54 -4.92 1.06 8.57
CA GLN A 54 -4.01 -0.09 8.50
C GLN A 54 -3.51 -0.37 7.08
N VAL A 55 -4.43 -0.71 6.17
CA VAL A 55 -4.07 -1.06 4.80
C VAL A 55 -4.18 0.17 3.89
N SER A 56 -3.10 0.44 3.14
CA SER A 56 -3.08 1.56 2.20
C SER A 56 -2.95 1.04 0.77
N ARG A 57 -3.22 1.90 -0.20
CA ARG A 57 -3.13 1.50 -1.61
C ARG A 57 -1.74 0.97 -1.95
N ALA A 58 -0.72 1.58 -1.35
CA ALA A 58 0.66 1.19 -1.58
C ALA A 58 0.92 -0.24 -1.08
N GLU A 59 0.33 -0.57 0.07
CA GLU A 59 0.51 -1.91 0.67
C GLU A 59 -0.05 -2.98 -0.23
N LEU A 60 -1.20 -2.71 -0.84
CA LEU A 60 -1.85 -3.68 -1.71
C LEU A 60 -0.99 -4.01 -2.91
N ARG A 61 -0.46 -2.96 -3.54
CA ARG A 61 0.39 -3.12 -4.71
C ARG A 61 1.60 -2.18 -4.60
N PRO A 62 2.59 -2.49 -3.77
CA PRO A 62 3.80 -1.61 -3.60
C PRO A 62 4.56 -1.38 -4.92
N HIS A 63 4.42 -2.32 -5.85
CA HIS A 63 5.11 -2.21 -7.14
C HIS A 63 4.26 -1.51 -8.22
N ASP A 64 2.95 -1.79 -8.23
CA ASP A 64 2.05 -1.25 -9.26
C ASP A 64 1.40 0.07 -8.86
N TRP A 65 1.35 0.38 -7.55
CA TRP A 65 0.73 1.65 -7.12
C TRP A 65 1.47 2.82 -7.78
N GLU A 66 2.78 2.61 -8.00
CA GLU A 66 3.63 3.62 -8.63
C GLU A 66 3.26 3.80 -10.10
N LEU A 67 2.53 2.83 -10.68
CA LEU A 67 2.13 2.89 -12.09
C LEU A 67 0.67 3.35 -12.19
N ILE A 68 -0.12 2.92 -11.21
CA ILE A 68 -1.55 3.25 -11.13
C ILE A 68 -1.74 4.71 -10.68
N TRP A 69 -0.91 5.14 -9.72
CA TRP A 69 -0.99 6.51 -9.20
C TRP A 69 0.43 7.13 -9.24
N PRO A 70 1.02 7.25 -10.42
CA PRO A 70 2.40 7.80 -10.58
C PRO A 70 2.46 9.30 -10.32
N GLU A 71 1.35 10.01 -10.59
CA GLU A 71 1.32 11.45 -10.36
C GLU A 71 1.48 11.73 -8.87
N TYR A 72 0.81 10.92 -8.06
CA TYR A 72 0.87 11.05 -6.60
C TYR A 72 2.24 10.61 -6.09
N ALA A 73 2.69 9.47 -6.60
CA ALA A 73 3.97 8.91 -6.21
C ALA A 73 5.11 9.84 -6.61
N SER A 74 4.94 10.49 -7.75
CA SER A 74 5.95 11.43 -8.23
C SER A 74 6.06 12.62 -7.28
N GLY A 75 4.95 12.92 -6.60
CA GLY A 75 4.89 14.02 -5.64
C GLY A 75 5.76 13.74 -4.44
N ILE A 76 5.75 12.48 -3.98
CA ILE A 76 6.54 12.09 -2.81
C ILE A 76 8.00 11.88 -3.16
N ARG A 77 8.26 11.43 -4.40
CA ARG A 77 9.63 11.22 -4.87
C ARG A 77 10.35 12.56 -5.04
N LEU A 78 9.56 13.63 -5.21
CA LEU A 78 10.09 14.97 -5.37
C LEU A 78 10.91 15.38 -4.15
N GLY A 79 10.44 15.03 -2.96
CA GLY A 79 11.15 15.42 -1.74
C GLY A 79 10.32 16.40 -0.89
N GLN A 80 9.04 16.56 -1.23
CA GLN A 80 8.15 17.46 -0.48
C GLN A 80 7.41 16.72 0.63
N THR A 81 7.97 15.58 1.07
CA THR A 81 7.35 14.76 2.11
C THR A 81 7.90 15.10 3.50
N HIS A 82 8.32 16.35 3.68
CA HIS A 82 8.85 16.80 4.98
C HIS A 82 7.73 17.26 5.92
N VAL A 83 6.48 16.96 5.56
CA VAL A 83 5.33 17.32 6.36
C VAL A 83 4.96 16.15 7.27
N VAL A 84 4.77 15.00 6.65
CA VAL A 84 4.41 13.79 7.35
C VAL A 84 5.64 12.93 7.61
N HIS A 85 5.47 11.89 8.43
CA HIS A 85 6.58 11.00 8.77
C HIS A 85 7.17 10.40 7.50
N ALA A 86 8.42 10.78 7.23
CA ALA A 86 9.14 10.29 6.05
C ALA A 86 9.34 8.78 6.13
N GLU A 87 9.30 8.12 4.98
CA GLU A 87 9.46 6.67 4.92
C GLU A 87 10.56 6.31 3.91
N GLY A 88 11.28 5.23 4.20
CA GLY A 88 12.36 4.76 3.32
C GLY A 88 11.84 3.75 2.30
N ASP A 89 10.59 3.94 1.87
CA ASP A 89 9.96 3.04 0.89
C ASP A 89 10.07 3.60 -0.54
N CYS A 90 10.92 4.61 -0.74
CA CYS A 90 11.08 5.22 -2.07
C CYS A 90 12.51 5.67 -2.30
N SER A 91 12.83 5.95 -3.56
CA SER A 91 14.17 6.39 -3.95
C SER A 91 14.53 7.72 -3.28
N ALA A 92 13.54 8.60 -3.15
CA ALA A 92 13.76 9.91 -2.55
C ALA A 92 14.27 9.80 -1.12
N CYS A 93 13.84 8.75 -0.40
CA CYS A 93 14.27 8.53 0.97
C CYS A 93 15.28 7.40 1.05
N LEU A 94 16.20 7.52 2.00
CA LEU A 94 17.23 6.51 2.19
C LEU A 94 17.41 6.23 3.69
N SER A 95 17.16 4.98 4.08
CA SER A 95 17.28 4.58 5.48
C SER A 95 18.59 3.84 5.72
N ASP A 96 19.28 4.21 6.80
CA ASP A 96 20.56 3.58 7.15
C ASP A 96 20.35 2.11 7.49
N GLY A 97 21.31 1.27 7.10
CA GLY A 97 21.23 -0.17 7.36
C GLY A 97 22.53 -0.86 6.98
N VAL A 98 23.62 -0.48 7.64
CA VAL A 98 24.93 -1.08 7.37
C VAL A 98 25.43 -1.79 8.63
N ASP A 99 25.83 -3.05 8.45
CA ASP A 99 26.34 -3.86 9.55
C ASP A 99 27.87 -4.04 9.50
N SER A 100 28.53 -3.32 8.59
CA SER A 100 29.98 -3.40 8.44
C SER A 100 30.68 -2.95 9.72
N GLY A 101 30.16 -1.90 10.35
CA GLY A 101 30.74 -1.35 11.57
C GLY A 101 30.73 -2.38 12.70
N SER A 102 29.63 -3.13 12.82
CA SER A 102 29.50 -4.13 13.88
C SER A 102 30.55 -5.23 13.72
N SER A 103 30.88 -5.56 12.47
CA SER A 103 31.88 -6.59 12.18
C SER A 103 33.26 -6.15 12.65
N HIS A 104 34.03 -7.11 13.16
CA HIS A 104 35.38 -6.82 13.65
C HIS A 104 36.37 -7.85 13.12
N HIS A 105 37.18 -7.43 12.14
CA HIS A 105 38.18 -8.32 11.54
C HIS A 105 39.47 -7.57 11.21
N HIS A 106 40.60 -8.25 11.34
CA HIS A 106 41.90 -7.65 11.05
C HIS A 106 42.79 -8.64 10.29
N HIS A 107 43.66 -8.10 9.43
CA HIS A 107 44.57 -8.91 8.63
C HIS A 107 45.97 -8.33 8.65
N HIS A 108 46.98 -9.20 8.56
CA HIS A 108 48.38 -8.76 8.57
C HIS A 108 49.13 -9.42 7.42
N HIS A 109 50.07 -8.66 6.83
CA HIS A 109 50.88 -9.16 5.71
C HIS A 109 49.99 -9.59 4.56
N MET A 1 0.04 -1.61 6.87
CA MET A 1 -0.47 -2.99 7.13
C MET A 1 -1.00 -3.59 5.85
N THR A 2 -1.39 -4.85 5.92
CA THR A 2 -1.94 -5.57 4.76
C THR A 2 -3.29 -6.15 5.12
N LEU A 3 -4.05 -6.53 4.10
CA LEU A 3 -5.38 -7.11 4.31
C LEU A 3 -5.28 -8.43 5.07
N LYS A 4 -4.26 -9.21 4.77
CA LYS A 4 -4.06 -10.50 5.42
C LYS A 4 -3.94 -10.29 6.93
N GLU A 5 -3.07 -9.36 7.34
CA GLU A 5 -2.86 -9.07 8.74
C GLU A 5 -4.05 -8.35 9.36
N PHE A 6 -4.61 -7.41 8.58
CA PHE A 6 -5.76 -6.61 9.02
C PHE A 6 -6.97 -7.52 9.30
N ILE A 7 -7.26 -8.39 8.36
CA ILE A 7 -8.39 -9.31 8.45
C ILE A 7 -8.22 -10.24 9.67
N LYS A 8 -7.00 -10.70 9.91
CA LYS A 8 -6.75 -11.58 11.05
C LYS A 8 -7.16 -10.89 12.35
N SER A 9 -6.91 -9.57 12.41
CA SER A 9 -7.30 -8.79 13.58
C SER A 9 -8.82 -8.81 13.69
N LEU A 10 -9.49 -8.68 12.54
CA LEU A 10 -10.94 -8.68 12.49
C LEU A 10 -11.53 -10.03 12.85
N ARG A 11 -12.75 -9.98 13.32
CA ARG A 11 -13.51 -11.17 13.67
C ARG A 11 -14.06 -11.77 12.37
N VAL A 12 -14.50 -13.02 12.41
CA VAL A 12 -15.03 -13.68 11.21
C VAL A 12 -16.19 -12.87 10.67
N GLY A 13 -17.12 -12.56 11.56
CA GLY A 13 -18.29 -11.79 11.23
C GLY A 13 -17.93 -10.35 10.88
N ASP A 14 -16.99 -9.77 11.63
CA ASP A 14 -16.56 -8.39 11.38
C ASP A 14 -15.94 -8.26 10.00
N ALA A 15 -15.14 -9.26 9.63
CA ALA A 15 -14.49 -9.29 8.33
C ALA A 15 -15.54 -9.29 7.23
N LYS A 16 -16.66 -9.99 7.47
CA LYS A 16 -17.75 -10.08 6.52
C LYS A 16 -18.12 -8.67 6.03
N LYS A 17 -18.31 -7.76 7.00
CA LYS A 17 -18.69 -6.40 6.70
C LYS A 17 -17.62 -5.70 5.87
N PHE A 18 -16.34 -6.01 6.17
CA PHE A 18 -15.22 -5.39 5.47
C PHE A 18 -15.31 -5.69 3.98
N ALA A 19 -15.58 -6.95 3.64
CA ALA A 19 -15.73 -7.34 2.23
C ALA A 19 -16.86 -6.52 1.61
N ALA A 20 -17.89 -6.25 2.43
CA ALA A 20 -19.02 -5.46 2.02
C ALA A 20 -18.55 -4.06 1.59
N ARG A 21 -17.51 -3.54 2.26
CA ARG A 21 -17.01 -2.20 1.94
C ARG A 21 -16.56 -2.17 0.48
N LEU A 22 -15.92 -3.26 0.07
CA LEU A 22 -15.43 -3.39 -1.30
C LEU A 22 -16.51 -4.03 -2.20
N GLY A 23 -17.61 -4.50 -1.58
CA GLY A 23 -18.68 -5.15 -2.33
C GLY A 23 -18.21 -6.46 -2.95
N VAL A 24 -17.34 -7.18 -2.22
CA VAL A 24 -16.80 -8.46 -2.73
C VAL A 24 -17.09 -9.61 -1.76
N SER A 25 -16.92 -10.84 -2.26
CA SER A 25 -17.16 -12.03 -1.45
C SER A 25 -16.09 -12.15 -0.35
N PRO A 26 -16.38 -12.82 0.76
CA PRO A 26 -15.39 -12.97 1.88
C PRO A 26 -14.17 -13.75 1.44
N SER A 27 -14.37 -14.76 0.59
CA SER A 27 -13.26 -15.56 0.09
C SER A 27 -12.37 -14.70 -0.82
N TYR A 28 -13.02 -13.94 -1.70
CA TYR A 28 -12.31 -13.04 -2.61
C TYR A 28 -11.51 -12.02 -1.81
N LEU A 29 -12.14 -11.47 -0.79
CA LEU A 29 -11.51 -10.48 0.07
C LEU A 29 -10.16 -11.01 0.59
N SER A 30 -10.16 -12.28 0.98
CA SER A 30 -8.95 -12.94 1.49
C SER A 30 -7.91 -13.16 0.39
N GLN A 31 -8.38 -13.21 -0.87
CA GLN A 31 -7.47 -13.46 -2.00
C GLN A 31 -6.43 -12.36 -2.12
N MET A 32 -6.88 -11.12 -1.99
CA MET A 32 -5.98 -9.96 -2.09
C MET A 32 -4.98 -10.03 -0.94
N ALA A 33 -5.50 -10.45 0.21
CA ALA A 33 -4.69 -10.57 1.41
C ALA A 33 -3.56 -11.56 1.17
N SER A 34 -3.92 -12.70 0.56
CA SER A 34 -2.95 -13.74 0.24
C SER A 34 -2.03 -13.29 -0.90
N GLY A 35 -2.61 -12.56 -1.85
CA GLY A 35 -1.87 -12.09 -3.02
C GLY A 35 -2.07 -13.04 -4.21
N ARG A 36 -3.10 -13.89 -4.14
CA ARG A 36 -3.37 -14.84 -5.22
C ARG A 36 -4.52 -14.39 -6.14
N THR A 37 -4.62 -13.08 -6.27
CA THR A 37 -5.65 -12.49 -7.11
C THR A 37 -5.16 -11.16 -7.67
N ALA A 38 -5.89 -10.65 -8.64
CA ALA A 38 -5.56 -9.38 -9.27
C ALA A 38 -6.40 -8.26 -8.67
N ILE A 39 -5.72 -7.34 -7.98
CA ILE A 39 -6.40 -6.20 -7.34
C ILE A 39 -6.53 -5.08 -8.37
N SER A 40 -7.77 -4.63 -8.58
CA SER A 40 -8.03 -3.56 -9.55
C SER A 40 -7.62 -2.21 -8.96
N PRO A 41 -7.31 -1.22 -9.79
CA PRO A 41 -6.91 0.15 -9.29
C PRO A 41 -7.97 0.75 -8.38
N THR A 42 -9.23 0.55 -8.75
CA THR A 42 -10.35 1.08 -7.99
C THR A 42 -10.46 0.36 -6.65
N ARG A 43 -10.31 -0.96 -6.67
CA ARG A 43 -10.40 -1.78 -5.47
C ARG A 43 -9.37 -1.40 -4.44
N ALA A 44 -8.16 -1.11 -4.86
CA ALA A 44 -7.11 -0.74 -3.91
C ALA A 44 -7.56 0.48 -3.10
N LEU A 45 -8.22 1.40 -3.78
CA LEU A 45 -8.73 2.61 -3.15
C LEU A 45 -9.85 2.29 -2.15
N MET A 46 -10.66 1.28 -2.46
CA MET A 46 -11.77 0.90 -1.60
C MET A 46 -11.28 0.53 -0.20
N ILE A 47 -10.27 -0.33 -0.16
CA ILE A 47 -9.69 -0.77 1.11
C ILE A 47 -9.17 0.45 1.88
N GLU A 48 -8.51 1.37 1.17
CA GLU A 48 -7.97 2.58 1.81
C GLU A 48 -9.08 3.33 2.53
N SER A 49 -10.24 3.41 1.87
CA SER A 49 -11.41 4.05 2.45
C SER A 49 -11.97 3.20 3.58
N ALA A 50 -11.89 1.88 3.37
CA ALA A 50 -12.42 0.93 4.31
C ALA A 50 -11.76 1.02 5.69
N THR A 51 -10.44 1.22 5.72
CA THR A 51 -9.73 1.29 7.02
C THR A 51 -9.19 2.69 7.27
N GLU A 52 -8.60 3.26 6.23
CA GLU A 52 -8.01 4.60 6.29
C GLU A 52 -6.98 4.75 7.42
N GLY A 53 -6.61 3.64 8.08
CA GLY A 53 -5.64 3.71 9.19
C GLY A 53 -4.55 2.64 9.12
N GLN A 54 -4.87 1.49 8.52
CA GLN A 54 -3.90 0.37 8.47
C GLN A 54 -3.43 0.06 7.05
N VAL A 55 -4.31 -0.53 6.23
CA VAL A 55 -3.96 -0.91 4.86
C VAL A 55 -3.96 0.31 3.94
N SER A 56 -2.88 0.46 3.19
CA SER A 56 -2.73 1.57 2.24
C SER A 56 -2.68 1.04 0.82
N ARG A 57 -3.03 1.89 -0.16
CA ARG A 57 -3.02 1.49 -1.56
C ARG A 57 -1.65 0.95 -1.96
N ALA A 58 -0.59 1.57 -1.42
CA ALA A 58 0.77 1.16 -1.70
C ALA A 58 1.01 -0.27 -1.20
N GLU A 59 0.46 -0.58 -0.02
CA GLU A 59 0.62 -1.90 0.58
C GLU A 59 -0.02 -2.97 -0.28
N LEU A 60 -1.20 -2.65 -0.80
CA LEU A 60 -1.96 -3.59 -1.62
C LEU A 60 -1.22 -3.89 -2.91
N ARG A 61 -0.71 -2.84 -3.55
CA ARG A 61 0.04 -2.96 -4.80
C ARG A 61 1.31 -2.10 -4.74
N PRO A 62 2.33 -2.52 -3.98
CA PRO A 62 3.61 -1.71 -3.86
C PRO A 62 4.30 -1.51 -5.21
N HIS A 63 4.05 -2.41 -6.14
CA HIS A 63 4.67 -2.33 -7.47
C HIS A 63 3.81 -1.56 -8.49
N ASP A 64 2.49 -1.75 -8.45
CA ASP A 64 1.59 -1.11 -9.41
C ASP A 64 1.04 0.24 -8.95
N TRP A 65 1.06 0.50 -7.64
CA TRP A 65 0.52 1.79 -7.15
C TRP A 65 1.31 2.93 -7.77
N GLU A 66 2.59 2.68 -8.03
CA GLU A 66 3.47 3.66 -8.64
C GLU A 66 3.10 3.88 -10.12
N LEU A 67 2.31 2.96 -10.69
CA LEU A 67 1.91 3.06 -12.10
C LEU A 67 0.49 3.61 -12.19
N ILE A 68 -0.32 3.21 -11.21
CA ILE A 68 -1.73 3.62 -11.12
C ILE A 68 -1.83 5.07 -10.66
N TRP A 69 -1.00 5.44 -9.68
CA TRP A 69 -1.03 6.82 -9.14
C TRP A 69 0.42 7.37 -9.17
N PRO A 70 1.02 7.47 -10.35
CA PRO A 70 2.41 7.98 -10.51
C PRO A 70 2.53 9.47 -10.25
N GLU A 71 1.46 10.21 -10.51
CA GLU A 71 1.47 11.66 -10.27
C GLU A 71 1.63 11.93 -8.78
N TYR A 72 0.92 11.15 -7.97
CA TYR A 72 0.99 11.27 -6.52
C TYR A 72 2.31 10.73 -6.01
N ALA A 73 2.67 9.53 -6.48
CA ALA A 73 3.91 8.88 -6.08
C ALA A 73 5.11 9.72 -6.48
N SER A 74 5.00 10.37 -7.63
CA SER A 74 6.08 11.25 -8.10
C SER A 74 6.26 12.41 -7.13
N GLY A 75 5.15 12.86 -6.54
CA GLY A 75 5.16 13.97 -5.61
C GLY A 75 5.98 13.65 -4.37
N ILE A 76 5.81 12.44 -3.84
CA ILE A 76 6.55 12.03 -2.63
C ILE A 76 8.03 11.80 -2.96
N ARG A 77 8.32 11.39 -4.20
CA ARG A 77 9.69 11.14 -4.64
C ARG A 77 10.47 12.45 -4.80
N LEU A 78 9.74 13.53 -5.09
CA LEU A 78 10.34 14.86 -5.27
C LEU A 78 11.10 15.29 -4.01
N GLY A 79 10.57 14.90 -2.85
CA GLY A 79 11.20 15.25 -1.57
C GLY A 79 10.36 16.23 -0.75
N GLN A 80 9.09 16.43 -1.14
CA GLN A 80 8.19 17.31 -0.41
C GLN A 80 7.46 16.57 0.71
N THR A 81 8.01 15.40 1.10
CA THR A 81 7.43 14.58 2.15
C THR A 81 7.90 15.00 3.55
N HIS A 82 8.47 16.20 3.65
CA HIS A 82 8.95 16.71 4.94
C HIS A 82 7.81 17.33 5.76
N VAL A 83 6.58 17.18 5.28
CA VAL A 83 5.40 17.72 5.97
C VAL A 83 5.03 16.79 7.11
N VAL A 84 4.97 15.51 6.79
CA VAL A 84 4.62 14.48 7.77
C VAL A 84 5.58 13.30 7.69
N HIS A 85 5.72 12.59 8.82
CA HIS A 85 6.62 11.46 8.91
C HIS A 85 6.32 10.45 7.80
N ALA A 86 7.29 10.29 6.90
CA ALA A 86 7.16 9.37 5.77
C ALA A 86 8.47 8.62 5.56
N GLU A 87 8.37 7.43 4.93
CA GLU A 87 9.55 6.61 4.66
C GLU A 87 10.59 7.39 3.86
N GLY A 88 11.85 6.98 4.01
CA GLY A 88 12.95 7.64 3.30
C GLY A 88 13.29 6.95 1.96
N ASP A 89 12.43 6.03 1.52
CA ASP A 89 12.64 5.32 0.27
C ASP A 89 12.12 6.16 -0.91
N CYS A 90 12.91 7.19 -1.26
CA CYS A 90 12.55 8.08 -2.36
C CYS A 90 13.71 8.21 -3.35
N SER A 91 13.38 8.61 -4.57
CA SER A 91 14.39 8.78 -5.63
C SER A 91 15.44 9.83 -5.24
N ALA A 92 15.01 10.81 -4.45
CA ALA A 92 15.90 11.89 -4.02
C ALA A 92 17.09 11.35 -3.24
N CYS A 93 16.87 10.27 -2.48
CA CYS A 93 17.94 9.65 -1.69
C CYS A 93 18.21 8.24 -2.18
N LEU A 94 19.46 7.80 -2.04
CA LEU A 94 19.86 6.47 -2.46
C LEU A 94 20.87 5.88 -1.47
N SER A 95 20.47 4.78 -0.81
CA SER A 95 21.34 4.12 0.17
C SER A 95 22.59 3.57 -0.52
N ASP A 96 23.73 3.74 0.14
CA ASP A 96 25.00 3.24 -0.39
C ASP A 96 25.33 1.87 0.19
N GLY A 97 25.71 0.94 -0.69
CA GLY A 97 26.05 -0.42 -0.25
C GLY A 97 27.24 -0.40 0.70
N VAL A 98 28.23 0.43 0.39
CA VAL A 98 29.43 0.55 1.22
C VAL A 98 29.98 1.98 1.18
N ASP A 99 30.52 2.41 2.30
CA ASP A 99 31.09 3.74 2.42
C ASP A 99 32.25 3.74 3.41
N SER A 100 33.01 4.84 3.44
CA SER A 100 34.15 4.95 4.34
C SER A 100 33.70 4.95 5.80
N GLY A 101 32.45 5.40 6.04
CA GLY A 101 31.90 5.45 7.39
C GLY A 101 31.85 4.06 8.02
N SER A 102 31.49 3.07 7.20
CA SER A 102 31.38 1.69 7.68
C SER A 102 32.74 1.21 8.20
N SER A 103 33.79 1.51 7.44
CA SER A 103 35.15 1.10 7.84
C SER A 103 35.57 1.85 9.10
N HIS A 104 36.30 1.15 9.98
CA HIS A 104 36.77 1.75 11.22
C HIS A 104 37.72 2.91 10.95
N HIS A 105 38.60 2.72 9.96
CA HIS A 105 39.56 3.75 9.59
C HIS A 105 40.09 3.52 8.17
N HIS A 106 40.71 4.55 7.60
CA HIS A 106 41.27 4.47 6.25
C HIS A 106 42.46 3.52 6.25
N HIS A 107 42.56 2.70 5.19
CA HIS A 107 43.67 1.75 5.07
C HIS A 107 44.98 2.48 4.81
N HIS A 108 46.07 1.93 5.37
CA HIS A 108 47.39 2.53 5.21
C HIS A 108 48.48 1.47 5.36
N HIS A 109 49.52 1.58 4.54
CA HIS A 109 50.64 0.62 4.59
C HIS A 109 50.13 -0.81 4.45
N MET A 1 0.20 -1.82 6.87
CA MET A 1 -0.34 -3.17 7.20
C MET A 1 -0.75 -3.88 5.91
N THR A 2 -1.07 -5.16 6.03
CA THR A 2 -1.48 -5.96 4.89
C THR A 2 -2.89 -6.49 5.10
N LEU A 3 -3.52 -6.92 4.01
CA LEU A 3 -4.88 -7.46 4.07
C LEU A 3 -4.93 -8.71 4.92
N LYS A 4 -3.90 -9.56 4.76
CA LYS A 4 -3.82 -10.81 5.50
C LYS A 4 -3.79 -10.54 7.01
N GLU A 5 -2.90 -9.62 7.42
CA GLU A 5 -2.77 -9.28 8.83
C GLU A 5 -3.97 -8.48 9.32
N PHE A 6 -4.45 -7.57 8.47
CA PHE A 6 -5.59 -6.73 8.81
C PHE A 6 -6.84 -7.58 9.04
N ILE A 7 -7.15 -8.44 8.09
CA ILE A 7 -8.32 -9.31 8.19
C ILE A 7 -8.15 -10.23 9.40
N LYS A 8 -6.92 -10.74 9.55
CA LYS A 8 -6.59 -11.62 10.66
C LYS A 8 -6.93 -10.90 11.98
N SER A 9 -6.65 -9.60 12.03
CA SER A 9 -6.95 -8.80 13.22
C SER A 9 -8.46 -8.71 13.39
N LEU A 10 -9.16 -8.53 12.28
CA LEU A 10 -10.63 -8.43 12.28
C LEU A 10 -11.29 -9.73 12.67
N ARG A 11 -12.52 -9.60 13.15
CA ARG A 11 -13.33 -10.75 13.54
C ARG A 11 -14.05 -11.26 12.30
N VAL A 12 -14.67 -12.44 12.39
CA VAL A 12 -15.37 -13.02 11.23
C VAL A 12 -16.44 -12.04 10.76
N GLY A 13 -17.23 -11.60 11.72
CA GLY A 13 -18.31 -10.66 11.48
C GLY A 13 -17.79 -9.29 11.05
N ASP A 14 -16.70 -8.85 11.68
CA ASP A 14 -16.10 -7.56 11.38
C ASP A 14 -15.59 -7.51 9.94
N ALA A 15 -14.87 -8.55 9.59
CA ALA A 15 -14.31 -8.68 8.27
C ALA A 15 -15.39 -8.69 7.20
N LYS A 16 -16.57 -9.22 7.56
CA LYS A 16 -17.68 -9.27 6.63
C LYS A 16 -18.03 -7.84 6.18
N LYS A 17 -18.09 -6.94 7.15
CA LYS A 17 -18.39 -5.54 6.87
C LYS A 17 -17.29 -4.95 5.98
N PHE A 18 -16.05 -5.32 6.26
CA PHE A 18 -14.91 -4.83 5.49
C PHE A 18 -15.05 -5.24 4.04
N ALA A 19 -15.37 -6.52 3.83
CA ALA A 19 -15.58 -7.04 2.48
C ALA A 19 -16.72 -6.28 1.82
N ALA A 20 -17.72 -5.93 2.65
CA ALA A 20 -18.88 -5.19 2.18
C ALA A 20 -18.46 -3.83 1.61
N ARG A 21 -17.43 -3.22 2.20
CA ARG A 21 -16.95 -1.92 1.74
C ARG A 21 -16.51 -2.00 0.29
N LEU A 22 -15.87 -3.11 -0.03
CA LEU A 22 -15.39 -3.34 -1.39
C LEU A 22 -16.48 -4.00 -2.24
N GLY A 23 -17.58 -4.41 -1.60
CA GLY A 23 -18.67 -5.06 -2.30
C GLY A 23 -18.25 -6.42 -2.84
N VAL A 24 -17.38 -7.12 -2.09
CA VAL A 24 -16.87 -8.44 -2.52
C VAL A 24 -17.19 -9.50 -1.47
N SER A 25 -17.07 -10.77 -1.90
CA SER A 25 -17.35 -11.90 -1.01
C SER A 25 -16.25 -12.03 0.04
N PRO A 26 -16.53 -12.62 1.20
CA PRO A 26 -15.51 -12.78 2.28
C PRO A 26 -14.35 -13.65 1.82
N SER A 27 -14.66 -14.68 1.02
CA SER A 27 -13.61 -15.56 0.50
C SER A 27 -12.72 -14.80 -0.47
N TYR A 28 -13.35 -14.01 -1.34
CA TYR A 28 -12.64 -13.20 -2.32
C TYR A 28 -11.73 -12.21 -1.59
N LEU A 29 -12.28 -11.56 -0.58
CA LEU A 29 -11.54 -10.60 0.23
C LEU A 29 -10.23 -11.23 0.72
N SER A 30 -10.31 -12.49 1.10
CA SER A 30 -9.17 -13.26 1.57
C SER A 30 -8.17 -13.54 0.43
N GLN A 31 -8.69 -13.64 -0.80
CA GLN A 31 -7.84 -13.98 -1.95
C GLN A 31 -6.73 -12.96 -2.16
N MET A 32 -7.09 -11.68 -2.15
CA MET A 32 -6.10 -10.62 -2.34
C MET A 32 -5.06 -10.65 -1.22
N ALA A 33 -5.51 -11.02 -0.02
CA ALA A 33 -4.62 -11.12 1.13
C ALA A 33 -3.55 -12.17 0.86
N SER A 34 -3.98 -13.31 0.33
CA SER A 34 -3.08 -14.40 -0.02
C SER A 34 -2.22 -14.02 -1.22
N GLY A 35 -2.85 -13.31 -2.17
CA GLY A 35 -2.17 -12.90 -3.40
C GLY A 35 -2.52 -13.83 -4.56
N ARG A 36 -3.55 -14.68 -4.38
CA ARG A 36 -3.96 -15.63 -5.42
C ARG A 36 -5.11 -15.10 -6.26
N THR A 37 -5.17 -13.80 -6.40
CA THR A 37 -6.20 -13.14 -7.18
C THR A 37 -5.68 -11.85 -7.79
N ALA A 38 -6.50 -11.23 -8.62
CA ALA A 38 -6.12 -10.00 -9.28
C ALA A 38 -6.82 -8.82 -8.61
N ILE A 39 -6.02 -7.84 -8.23
CA ILE A 39 -6.54 -6.65 -7.56
C ILE A 39 -6.59 -5.48 -8.55
N SER A 40 -7.80 -4.95 -8.75
CA SER A 40 -7.98 -3.83 -9.67
C SER A 40 -7.52 -2.53 -9.01
N PRO A 41 -7.13 -1.51 -9.78
CA PRO A 41 -6.68 -0.20 -9.19
C PRO A 41 -7.78 0.42 -8.33
N THR A 42 -9.03 0.28 -8.77
CA THR A 42 -10.17 0.82 -8.04
C THR A 42 -10.32 0.10 -6.71
N ARG A 43 -10.17 -1.23 -6.75
CA ARG A 43 -10.27 -2.05 -5.55
C ARG A 43 -9.21 -1.67 -4.54
N ALA A 44 -8.01 -1.40 -5.01
CA ALA A 44 -6.92 -1.02 -4.11
C ALA A 44 -7.31 0.23 -3.33
N LEU A 45 -7.96 1.15 -4.03
CA LEU A 45 -8.40 2.40 -3.42
C LEU A 45 -9.54 2.14 -2.43
N MET A 46 -10.38 1.14 -2.71
CA MET A 46 -11.52 0.82 -1.86
C MET A 46 -11.08 0.45 -0.45
N ILE A 47 -10.09 -0.44 -0.35
CA ILE A 47 -9.59 -0.88 0.94
C ILE A 47 -8.99 0.30 1.72
N GLU A 48 -8.18 1.09 1.03
CA GLU A 48 -7.52 2.22 1.67
C GLU A 48 -8.57 3.16 2.27
N SER A 49 -9.66 3.36 1.55
CA SER A 49 -10.75 4.21 2.00
C SER A 49 -11.55 3.51 3.10
N ALA A 50 -11.65 2.18 2.97
CA ALA A 50 -12.42 1.39 3.92
C ALA A 50 -11.86 1.47 5.34
N THR A 51 -10.53 1.43 5.45
CA THR A 51 -9.90 1.46 6.79
C THR A 51 -9.17 2.77 7.02
N GLU A 52 -8.44 3.19 5.99
CA GLU A 52 -7.64 4.42 6.04
C GLU A 52 -6.69 4.43 7.26
N GLY A 53 -6.50 3.28 7.93
CA GLY A 53 -5.62 3.22 9.10
C GLY A 53 -4.66 2.03 9.07
N GLN A 54 -5.08 0.92 8.44
CA GLN A 54 -4.24 -0.29 8.40
C GLN A 54 -3.71 -0.61 7.00
N VAL A 55 -4.62 -0.98 6.09
CA VAL A 55 -4.25 -1.34 4.73
C VAL A 55 -4.37 -0.12 3.81
N SER A 56 -3.32 0.10 3.03
CA SER A 56 -3.28 1.22 2.08
C SER A 56 -3.12 0.69 0.66
N ARG A 57 -3.48 1.53 -0.32
CA ARG A 57 -3.38 1.14 -1.73
C ARG A 57 -1.97 0.65 -2.06
N ALA A 58 -0.97 1.32 -1.47
CA ALA A 58 0.43 0.96 -1.68
C ALA A 58 0.73 -0.44 -1.18
N GLU A 59 0.11 -0.82 -0.05
CA GLU A 59 0.35 -2.13 0.56
C GLU A 59 -0.06 -3.27 -0.38
N LEU A 60 -1.20 -3.12 -1.06
CA LEU A 60 -1.67 -4.16 -1.98
C LEU A 60 -0.74 -4.27 -3.18
N ARG A 61 -0.39 -3.13 -3.75
CA ARG A 61 0.50 -3.11 -4.92
C ARG A 61 1.64 -2.08 -4.69
N PRO A 62 2.62 -2.40 -3.84
CA PRO A 62 3.76 -1.46 -3.54
C PRO A 62 4.57 -1.10 -4.79
N HIS A 63 4.57 -2.00 -5.78
CA HIS A 63 5.32 -1.77 -7.01
C HIS A 63 4.48 -1.12 -8.12
N ASP A 64 3.17 -1.43 -8.17
CA ASP A 64 2.31 -0.90 -9.23
C ASP A 64 1.60 0.40 -8.83
N TRP A 65 1.45 0.65 -7.53
CA TRP A 65 0.77 1.88 -7.09
C TRP A 65 1.52 3.10 -7.64
N GLU A 66 2.84 2.94 -7.77
CA GLU A 66 3.70 3.99 -8.30
C GLU A 66 3.45 4.20 -9.81
N LEU A 67 2.81 3.23 -10.46
CA LEU A 67 2.52 3.30 -11.90
C LEU A 67 1.07 3.71 -12.12
N ILE A 68 0.22 3.24 -11.22
CA ILE A 68 -1.22 3.52 -11.24
C ILE A 68 -1.49 4.96 -10.81
N TRP A 69 -0.77 5.40 -9.77
CA TRP A 69 -0.94 6.76 -9.23
C TRP A 69 0.45 7.43 -9.16
N PRO A 70 1.12 7.59 -10.30
CA PRO A 70 2.47 8.21 -10.35
C PRO A 70 2.43 9.70 -10.08
N GLU A 71 1.29 10.33 -10.39
CA GLU A 71 1.14 11.76 -10.14
C GLU A 71 1.15 12.01 -8.63
N TYR A 72 0.45 11.14 -7.90
CA TYR A 72 0.39 11.22 -6.44
C TYR A 72 1.77 10.89 -5.85
N ALA A 73 2.33 9.78 -6.32
CA ALA A 73 3.64 9.32 -5.87
C ALA A 73 4.72 10.34 -6.19
N SER A 74 4.55 11.03 -7.33
CA SER A 74 5.50 12.04 -7.76
C SER A 74 5.62 13.13 -6.69
N GLY A 75 4.48 13.45 -6.07
CA GLY A 75 4.43 14.49 -5.05
C GLY A 75 5.30 14.15 -3.84
N ILE A 76 5.24 12.89 -3.39
CA ILE A 76 6.03 12.46 -2.24
C ILE A 76 7.51 12.31 -2.60
N ARG A 77 7.79 11.95 -3.86
CA ARG A 77 9.16 11.78 -4.33
C ARG A 77 9.89 13.12 -4.42
N LEU A 78 9.13 14.20 -4.66
CA LEU A 78 9.69 15.55 -4.77
C LEU A 78 10.53 15.90 -3.54
N GLY A 79 10.15 15.34 -2.38
CA GLY A 79 10.87 15.60 -1.13
C GLY A 79 10.03 16.43 -0.15
N GLN A 80 8.74 16.63 -0.46
CA GLN A 80 7.85 17.38 0.41
C GLN A 80 7.18 16.47 1.44
N THR A 81 7.79 15.30 1.68
CA THR A 81 7.26 14.33 2.64
C THR A 81 7.68 14.62 4.07
N HIS A 82 8.25 15.82 4.30
CA HIS A 82 8.67 16.21 5.64
C HIS A 82 7.50 16.75 6.48
N VAL A 83 6.30 16.69 5.91
CA VAL A 83 5.09 17.16 6.59
C VAL A 83 4.82 16.25 7.77
N VAL A 84 4.88 14.94 7.49
CA VAL A 84 4.66 13.91 8.50
C VAL A 84 5.92 13.08 8.65
N HIS A 85 6.33 12.87 9.90
CA HIS A 85 7.53 12.10 10.18
C HIS A 85 7.23 10.60 10.14
N ALA A 86 7.68 9.96 9.08
CA ALA A 86 7.46 8.51 8.90
C ALA A 86 8.19 7.74 10.00
N GLU A 87 7.65 6.56 10.34
CA GLU A 87 8.26 5.73 11.36
C GLU A 87 9.67 5.34 10.98
N GLY A 88 10.56 5.24 11.97
CA GLY A 88 11.96 4.88 11.74
C GLY A 88 12.77 6.07 11.22
N ASP A 89 12.26 7.28 11.43
CA ASP A 89 12.94 8.50 10.99
C ASP A 89 12.69 9.63 11.98
N CYS A 90 13.69 9.92 12.81
CA CYS A 90 13.59 10.98 13.81
C CYS A 90 14.61 12.08 13.53
N SER A 91 14.12 13.32 13.42
CA SER A 91 14.98 14.46 13.16
C SER A 91 15.99 14.66 14.28
N ALA A 92 15.54 14.40 15.52
CA ALA A 92 16.39 14.56 16.69
C ALA A 92 17.60 13.63 16.63
N CYS A 93 17.41 12.45 16.04
CA CYS A 93 18.49 11.47 15.91
C CYS A 93 19.03 11.44 14.49
N LEU A 94 20.30 11.08 14.36
CA LEU A 94 20.95 11.00 13.05
C LEU A 94 20.77 12.32 12.28
N SER A 95 20.68 13.43 13.02
CA SER A 95 20.50 14.75 12.42
C SER A 95 21.73 15.12 11.60
N ASP A 96 21.50 15.75 10.44
CA ASP A 96 22.60 16.17 9.56
C ASP A 96 23.49 17.17 10.30
N GLY A 97 24.80 16.95 10.21
CA GLY A 97 25.75 17.85 10.87
C GLY A 97 25.60 19.28 10.36
N VAL A 98 25.35 19.41 9.05
CA VAL A 98 25.17 20.71 8.43
C VAL A 98 23.96 20.69 7.48
N ASP A 99 23.24 21.81 7.45
CA ASP A 99 22.07 21.95 6.59
C ASP A 99 22.51 22.07 5.14
N SER A 100 21.70 21.52 4.24
CA SER A 100 22.01 21.57 2.81
C SER A 100 22.04 23.01 2.30
N GLY A 101 21.14 23.84 2.82
CA GLY A 101 21.07 25.25 2.41
C GLY A 101 22.35 26.00 2.78
N SER A 102 22.86 25.73 3.99
CA SER A 102 24.07 26.39 4.46
C SER A 102 25.29 26.02 3.60
N SER A 103 25.30 24.79 3.10
CA SER A 103 26.41 24.32 2.27
C SER A 103 26.54 25.16 1.01
N HIS A 104 27.79 25.43 0.61
CA HIS A 104 28.07 26.23 -0.58
C HIS A 104 27.34 27.58 -0.50
N HIS A 105 27.31 28.15 0.70
CA HIS A 105 26.65 29.44 0.92
C HIS A 105 27.68 30.52 1.21
N HIS A 106 27.79 31.49 0.30
CA HIS A 106 28.73 32.59 0.45
C HIS A 106 28.25 33.81 -0.34
N HIS A 107 28.41 34.99 0.27
CA HIS A 107 27.99 36.24 -0.37
C HIS A 107 29.06 36.71 -1.36
N HIS A 108 28.62 37.37 -2.43
CA HIS A 108 29.53 37.87 -3.45
C HIS A 108 30.45 38.93 -2.87
N HIS A 109 31.72 38.88 -3.25
CA HIS A 109 32.72 39.84 -2.76
C HIS A 109 32.74 39.88 -1.24
N MET A 1 0.48 -1.64 7.29
CA MET A 1 -0.23 -2.92 7.54
C MET A 1 -0.69 -3.51 6.22
N THR A 2 -1.16 -4.75 6.28
CA THR A 2 -1.64 -5.45 5.09
C THR A 2 -3.02 -6.03 5.35
N LEU A 3 -3.70 -6.41 4.27
CA LEU A 3 -5.04 -7.00 4.38
C LEU A 3 -5.00 -8.30 5.17
N LYS A 4 -3.97 -9.08 4.94
CA LYS A 4 -3.82 -10.36 5.64
C LYS A 4 -3.80 -10.14 7.15
N GLU A 5 -2.97 -9.20 7.58
CA GLU A 5 -2.85 -8.88 9.01
C GLU A 5 -4.08 -8.14 9.53
N PHE A 6 -4.59 -7.22 8.71
CA PHE A 6 -5.77 -6.43 9.07
C PHE A 6 -6.97 -7.35 9.30
N ILE A 7 -7.19 -8.23 8.34
CA ILE A 7 -8.29 -9.19 8.39
C ILE A 7 -8.09 -10.09 9.61
N LYS A 8 -6.84 -10.49 9.84
CA LYS A 8 -6.51 -11.35 10.96
C LYS A 8 -7.00 -10.72 12.26
N SER A 9 -6.84 -9.39 12.36
CA SER A 9 -7.30 -8.66 13.53
C SER A 9 -8.83 -8.71 13.61
N LEU A 10 -9.47 -8.57 12.45
CA LEU A 10 -10.93 -8.59 12.36
C LEU A 10 -11.50 -9.96 12.72
N ARG A 11 -12.76 -9.91 13.16
CA ARG A 11 -13.50 -11.13 13.51
C ARG A 11 -14.10 -11.71 12.23
N VAL A 12 -14.62 -12.93 12.29
CA VAL A 12 -15.21 -13.57 11.11
C VAL A 12 -16.33 -12.68 10.59
N GLY A 13 -17.20 -12.30 11.50
CA GLY A 13 -18.33 -11.46 11.20
C GLY A 13 -17.90 -10.06 10.78
N ASP A 14 -16.87 -9.54 11.45
CA ASP A 14 -16.35 -8.19 11.18
C ASP A 14 -15.79 -8.11 9.77
N ALA A 15 -14.99 -9.12 9.45
CA ALA A 15 -14.35 -9.21 8.15
C ALA A 15 -15.38 -9.25 7.04
N LYS A 16 -16.52 -9.89 7.32
CA LYS A 16 -17.60 -9.98 6.35
C LYS A 16 -18.03 -8.57 5.96
N LYS A 17 -18.19 -7.71 6.97
CA LYS A 17 -18.58 -6.33 6.74
C LYS A 17 -17.51 -5.61 5.94
N PHE A 18 -16.24 -5.91 6.25
CA PHE A 18 -15.11 -5.28 5.56
C PHE A 18 -15.17 -5.60 4.07
N ALA A 19 -15.43 -6.86 3.75
CA ALA A 19 -15.54 -7.28 2.35
C ALA A 19 -16.64 -6.48 1.68
N ALA A 20 -17.68 -6.16 2.46
CA ALA A 20 -18.79 -5.36 1.99
C ALA A 20 -18.30 -3.97 1.56
N ARG A 21 -17.30 -3.43 2.28
CA ARG A 21 -16.77 -2.11 1.95
C ARG A 21 -16.22 -2.11 0.53
N LEU A 22 -15.57 -3.21 0.19
CA LEU A 22 -14.99 -3.37 -1.14
C LEU A 22 -16.01 -4.00 -2.10
N GLY A 23 -17.17 -4.42 -1.55
CA GLY A 23 -18.20 -5.05 -2.37
C GLY A 23 -17.71 -6.38 -2.94
N VAL A 24 -16.89 -7.10 -2.14
CA VAL A 24 -16.35 -8.38 -2.60
C VAL A 24 -16.78 -9.52 -1.67
N SER A 25 -16.63 -10.75 -2.17
CA SER A 25 -17.00 -11.95 -1.40
C SER A 25 -16.04 -12.14 -0.22
N PRO A 26 -16.46 -12.83 0.84
CA PRO A 26 -15.59 -13.04 2.04
C PRO A 26 -14.34 -13.84 1.69
N SER A 27 -14.48 -14.80 0.77
CA SER A 27 -13.34 -15.60 0.33
C SER A 27 -12.40 -14.76 -0.53
N TYR A 28 -12.99 -13.94 -1.41
CA TYR A 28 -12.23 -13.08 -2.29
C TYR A 28 -11.38 -12.11 -1.46
N LEU A 29 -12.01 -11.53 -0.46
CA LEU A 29 -11.34 -10.59 0.44
C LEU A 29 -10.02 -11.20 0.94
N SER A 30 -10.08 -12.48 1.25
CA SER A 30 -8.91 -13.23 1.69
C SER A 30 -7.89 -13.37 0.56
N GLN A 31 -8.39 -13.55 -0.67
CA GLN A 31 -7.52 -13.74 -1.83
C GLN A 31 -6.55 -12.59 -2.06
N MET A 32 -7.07 -11.37 -2.06
CA MET A 32 -6.24 -10.18 -2.29
C MET A 32 -5.16 -10.08 -1.21
N ALA A 33 -5.51 -10.46 0.01
CA ALA A 33 -4.58 -10.43 1.13
C ALA A 33 -3.38 -11.33 0.84
N SER A 34 -3.69 -12.53 0.35
CA SER A 34 -2.66 -13.50 -0.01
C SER A 34 -1.91 -13.07 -1.27
N GLY A 35 -2.66 -12.50 -2.22
CA GLY A 35 -2.11 -12.06 -3.49
C GLY A 35 -2.43 -13.06 -4.61
N ARG A 36 -3.36 -13.99 -4.35
CA ARG A 36 -3.74 -15.01 -5.33
C ARG A 36 -5.00 -14.63 -6.12
N THR A 37 -5.15 -13.35 -6.35
CA THR A 37 -6.30 -12.84 -7.09
C THR A 37 -5.93 -11.56 -7.82
N ALA A 38 -6.73 -11.27 -8.84
CA ALA A 38 -6.53 -10.08 -9.65
C ALA A 38 -7.23 -8.90 -9.00
N ILE A 39 -6.46 -7.86 -8.76
CA ILE A 39 -6.98 -6.65 -8.11
C ILE A 39 -6.98 -5.48 -9.10
N SER A 40 -8.13 -4.81 -9.19
CA SER A 40 -8.27 -3.67 -10.09
C SER A 40 -7.78 -2.39 -9.40
N PRO A 41 -7.30 -1.39 -10.14
CA PRO A 41 -6.78 -0.12 -9.52
C PRO A 41 -7.81 0.56 -8.63
N THR A 42 -9.07 0.59 -9.10
CA THR A 42 -10.15 1.22 -8.35
C THR A 42 -10.45 0.43 -7.07
N ARG A 43 -10.46 -0.89 -7.20
CA ARG A 43 -10.74 -1.78 -6.07
C ARG A 43 -9.78 -1.50 -4.91
N ALA A 44 -8.53 -1.19 -5.26
CA ALA A 44 -7.50 -0.90 -4.26
C ALA A 44 -7.90 0.30 -3.39
N LEU A 45 -8.51 1.30 -4.01
CA LEU A 45 -8.94 2.51 -3.28
C LEU A 45 -9.99 2.17 -2.21
N MET A 46 -10.78 1.12 -2.45
CA MET A 46 -11.84 0.73 -1.50
C MET A 46 -11.25 0.39 -0.15
N ILE A 47 -10.16 -0.38 -0.17
CA ILE A 47 -9.50 -0.81 1.07
C ILE A 47 -8.98 0.40 1.86
N GLU A 48 -8.30 1.31 1.16
CA GLU A 48 -7.72 2.47 1.82
C GLU A 48 -8.82 3.27 2.50
N SER A 49 -9.96 3.39 1.83
CA SER A 49 -11.11 4.10 2.38
C SER A 49 -11.75 3.27 3.48
N ALA A 50 -11.72 1.95 3.30
CA ALA A 50 -12.33 1.03 4.23
C ALA A 50 -11.71 1.11 5.62
N THR A 51 -10.38 1.24 5.68
CA THR A 51 -9.68 1.28 6.98
C THR A 51 -9.11 2.66 7.24
N GLU A 52 -8.50 3.23 6.21
CA GLU A 52 -7.89 4.54 6.28
C GLU A 52 -6.85 4.67 7.41
N GLY A 53 -6.52 3.57 8.09
CA GLY A 53 -5.56 3.62 9.20
C GLY A 53 -4.51 2.51 9.15
N GLN A 54 -4.87 1.36 8.56
CA GLN A 54 -3.95 0.22 8.52
C GLN A 54 -3.41 -0.08 7.12
N VAL A 55 -4.31 -0.40 6.19
CA VAL A 55 -3.92 -0.76 4.83
C VAL A 55 -4.15 0.40 3.84
N SER A 56 -3.10 0.75 3.12
CA SER A 56 -3.17 1.81 2.11
C SER A 56 -3.19 1.18 0.72
N ARG A 57 -3.47 1.99 -0.31
CA ARG A 57 -3.52 1.47 -1.68
C ARG A 57 -2.17 0.86 -2.08
N ALA A 58 -1.09 1.48 -1.59
CA ALA A 58 0.27 1.02 -1.88
C ALA A 58 0.52 -0.38 -1.34
N GLU A 59 -0.03 -0.67 -0.16
CA GLU A 59 0.16 -1.96 0.49
C GLU A 59 -0.36 -3.11 -0.37
N LEU A 60 -1.51 -2.90 -1.01
CA LEU A 60 -2.11 -3.92 -1.86
C LEU A 60 -1.20 -4.20 -3.05
N ARG A 61 -0.75 -3.13 -3.70
CA ARG A 61 0.12 -3.27 -4.86
C ARG A 61 1.33 -2.33 -4.71
N PRO A 62 2.32 -2.67 -3.88
CA PRO A 62 3.52 -1.81 -3.64
C PRO A 62 4.31 -1.50 -4.92
N HIS A 63 4.27 -2.40 -5.90
CA HIS A 63 4.99 -2.18 -7.16
C HIS A 63 4.14 -1.50 -8.24
N ASP A 64 2.81 -1.68 -8.19
CA ASP A 64 1.92 -1.08 -9.20
C ASP A 64 1.36 0.27 -8.78
N TRP A 65 1.27 0.52 -7.47
CA TRP A 65 0.69 1.79 -7.00
C TRP A 65 1.48 2.98 -7.58
N GLU A 66 2.78 2.75 -7.76
CA GLU A 66 3.66 3.76 -8.33
C GLU A 66 3.35 3.99 -9.82
N LEU A 67 2.63 3.04 -10.44
CA LEU A 67 2.30 3.13 -11.87
C LEU A 67 0.85 3.61 -12.03
N ILE A 68 0.01 3.17 -11.11
CA ILE A 68 -1.40 3.51 -11.09
C ILE A 68 -1.61 4.96 -10.64
N TRP A 69 -0.86 5.37 -9.61
CA TRP A 69 -1.00 6.72 -9.06
C TRP A 69 0.41 7.38 -9.02
N PRO A 70 1.06 7.51 -10.17
CA PRO A 70 2.42 8.12 -10.26
C PRO A 70 2.40 9.63 -10.03
N GLU A 71 1.25 10.26 -10.31
CA GLU A 71 1.14 11.71 -10.11
C GLU A 71 1.29 12.04 -8.62
N TYR A 72 0.81 11.13 -7.77
CA TYR A 72 0.90 11.30 -6.32
C TYR A 72 2.24 10.78 -5.80
N ALA A 73 2.61 9.59 -6.25
CA ALA A 73 3.86 8.98 -5.84
C ALA A 73 5.04 9.83 -6.25
N SER A 74 4.92 10.47 -7.41
CA SER A 74 5.98 11.34 -7.89
C SER A 74 6.16 12.52 -6.94
N GLY A 75 5.05 12.95 -6.34
CA GLY A 75 5.06 14.07 -5.40
C GLY A 75 5.90 13.77 -4.17
N ILE A 76 5.74 12.56 -3.62
CA ILE A 76 6.51 12.17 -2.43
C ILE A 76 7.98 11.94 -2.78
N ARG A 77 8.24 11.48 -4.00
CA ARG A 77 9.61 11.25 -4.46
C ARG A 77 10.36 12.58 -4.59
N LEU A 78 9.63 13.63 -5.00
CA LEU A 78 10.20 14.96 -5.18
C LEU A 78 10.92 15.41 -3.91
N GLY A 79 10.37 15.04 -2.75
CA GLY A 79 10.97 15.40 -1.47
C GLY A 79 10.13 16.41 -0.68
N GLN A 80 8.91 16.69 -1.14
CA GLN A 80 8.02 17.61 -0.44
C GLN A 80 7.32 16.89 0.72
N THR A 81 7.35 15.55 0.70
CA THR A 81 6.71 14.74 1.72
C THR A 81 7.49 14.70 3.04
N HIS A 82 8.52 15.56 3.18
CA HIS A 82 9.31 15.59 4.42
C HIS A 82 8.60 16.38 5.53
N VAL A 83 7.37 16.82 5.27
CA VAL A 83 6.59 17.56 6.26
C VAL A 83 6.30 16.62 7.42
N VAL A 84 5.79 15.44 7.07
CA VAL A 84 5.46 14.41 8.04
C VAL A 84 6.04 13.07 7.56
N HIS A 85 6.68 12.34 8.48
CA HIS A 85 7.26 11.04 8.14
C HIS A 85 6.20 9.94 8.18
N ALA A 86 5.76 9.52 7.00
CA ALA A 86 4.75 8.47 6.89
C ALA A 86 5.32 7.14 7.33
N GLU A 87 4.46 6.32 7.95
CA GLU A 87 4.88 4.99 8.43
C GLU A 87 5.09 4.05 7.24
N GLY A 88 6.02 3.12 7.42
CA GLY A 88 6.33 2.15 6.36
C GLY A 88 7.22 2.75 5.26
N ASP A 89 7.87 3.87 5.58
CA ASP A 89 8.75 4.54 4.62
C ASP A 89 10.04 4.98 5.31
N CYS A 90 11.09 4.18 5.18
CA CYS A 90 12.38 4.48 5.79
C CYS A 90 13.48 4.65 4.73
N SER A 91 13.09 5.09 3.53
CA SER A 91 14.04 5.30 2.44
C SER A 91 15.09 6.35 2.81
N ALA A 92 14.67 7.35 3.59
CA ALA A 92 15.57 8.43 4.00
C ALA A 92 16.74 7.92 4.82
N CYS A 93 16.53 6.86 5.59
CA CYS A 93 17.58 6.28 6.43
C CYS A 93 17.93 4.86 5.99
N LEU A 94 19.16 4.45 6.28
CA LEU A 94 19.64 3.12 5.92
C LEU A 94 20.18 2.40 7.15
N SER A 95 19.51 1.31 7.51
CA SER A 95 19.92 0.51 8.68
C SER A 95 20.71 -0.72 8.23
N ASP A 96 21.83 -0.98 8.91
CA ASP A 96 22.68 -2.12 8.58
C ASP A 96 21.91 -3.42 8.75
N GLY A 97 22.14 -4.36 7.82
CA GLY A 97 21.47 -5.65 7.86
C GLY A 97 22.42 -6.77 7.45
N VAL A 98 23.64 -6.74 7.98
CA VAL A 98 24.66 -7.73 7.65
C VAL A 98 25.21 -8.37 8.94
N ASP A 99 25.77 -9.57 8.79
CA ASP A 99 26.35 -10.29 9.92
C ASP A 99 27.88 -10.15 9.99
N SER A 100 28.43 -9.24 9.17
CA SER A 100 29.88 -9.02 9.15
C SER A 100 30.38 -8.55 10.52
N GLY A 101 29.55 -7.80 11.23
CA GLY A 101 29.92 -7.29 12.55
C GLY A 101 30.18 -8.44 13.53
N SER A 102 29.34 -9.47 13.45
CA SER A 102 29.47 -10.63 14.33
C SER A 102 30.80 -11.34 14.14
N SER A 103 31.18 -11.57 12.87
CA SER A 103 32.44 -12.24 12.55
C SER A 103 33.33 -11.34 11.69
N HIS A 104 34.55 -11.09 12.17
CA HIS A 104 35.50 -10.25 11.45
C HIS A 104 36.93 -10.62 11.82
N HIS A 105 37.82 -10.55 10.84
CA HIS A 105 39.24 -10.87 11.04
C HIS A 105 40.12 -9.74 10.51
N HIS A 106 41.28 -9.55 11.14
CA HIS A 106 42.22 -8.50 10.73
C HIS A 106 43.47 -9.11 10.12
N HIS A 107 43.87 -8.59 8.96
CA HIS A 107 45.06 -9.07 8.26
C HIS A 107 46.31 -8.79 9.09
N HIS A 108 47.21 -9.78 9.14
CA HIS A 108 48.45 -9.65 9.90
C HIS A 108 49.53 -10.58 9.35
N HIS A 109 50.79 -10.31 9.71
CA HIS A 109 51.91 -11.13 9.25
C HIS A 109 51.92 -11.26 7.73
N MET A 1 0.02 -1.73 6.32
CA MET A 1 -0.50 -3.07 6.72
C MET A 1 -1.02 -3.79 5.48
N THR A 2 -1.48 -5.03 5.69
CA THR A 2 -2.00 -5.84 4.59
C THR A 2 -3.36 -6.41 4.95
N LEU A 3 -4.09 -6.89 3.95
CA LEU A 3 -5.42 -7.47 4.19
C LEU A 3 -5.30 -8.67 5.11
N LYS A 4 -4.25 -9.46 4.94
CA LYS A 4 -4.06 -10.67 5.74
C LYS A 4 -3.98 -10.32 7.23
N GLU A 5 -3.13 -9.35 7.57
CA GLU A 5 -2.95 -8.92 8.96
C GLU A 5 -4.15 -8.15 9.46
N PHE A 6 -4.70 -7.27 8.62
CA PHE A 6 -5.86 -6.46 9.00
C PHE A 6 -7.05 -7.36 9.30
N ILE A 7 -7.33 -8.27 8.38
CA ILE A 7 -8.44 -9.21 8.52
C ILE A 7 -8.20 -10.07 9.76
N LYS A 8 -6.94 -10.46 9.97
CA LYS A 8 -6.58 -11.29 11.13
C LYS A 8 -7.03 -10.60 12.41
N SER A 9 -6.86 -9.28 12.45
CA SER A 9 -7.28 -8.49 13.60
C SER A 9 -8.80 -8.53 13.71
N LEU A 10 -9.46 -8.45 12.55
CA LEU A 10 -10.92 -8.48 12.49
C LEU A 10 -11.45 -9.85 12.84
N ARG A 11 -12.70 -9.85 13.31
CA ARG A 11 -13.40 -11.09 13.64
C ARG A 11 -14.00 -11.64 12.35
N VAL A 12 -14.48 -12.87 12.38
CA VAL A 12 -15.07 -13.49 11.18
C VAL A 12 -16.24 -12.64 10.72
N GLY A 13 -17.11 -12.34 11.68
CA GLY A 13 -18.30 -11.55 11.43
C GLY A 13 -17.94 -10.12 11.00
N ASP A 14 -16.97 -9.52 11.68
CA ASP A 14 -16.53 -8.15 11.37
C ASP A 14 -15.93 -8.06 9.98
N ALA A 15 -15.15 -9.07 9.62
CA ALA A 15 -14.49 -9.13 8.32
C ALA A 15 -15.52 -9.13 7.20
N LYS A 16 -16.67 -9.76 7.46
CA LYS A 16 -17.74 -9.84 6.50
C LYS A 16 -18.15 -8.44 6.07
N LYS A 17 -18.28 -7.54 7.06
CA LYS A 17 -18.67 -6.17 6.80
C LYS A 17 -17.62 -5.47 5.95
N PHE A 18 -16.34 -5.77 6.24
CA PHE A 18 -15.22 -5.18 5.51
C PHE A 18 -15.32 -5.52 4.03
N ALA A 19 -15.54 -6.80 3.74
CA ALA A 19 -15.66 -7.26 2.36
C ALA A 19 -16.81 -6.52 1.68
N ALA A 20 -17.84 -6.21 2.46
CA ALA A 20 -19.01 -5.47 1.96
C ALA A 20 -18.58 -4.10 1.45
N ARG A 21 -17.60 -3.48 2.12
CA ARG A 21 -17.11 -2.16 1.73
C ARG A 21 -16.58 -2.19 0.31
N LEU A 22 -15.88 -3.26 0.00
CA LEU A 22 -15.29 -3.44 -1.33
C LEU A 22 -16.30 -4.09 -2.28
N GLY A 23 -17.45 -4.54 -1.73
CA GLY A 23 -18.47 -5.19 -2.55
C GLY A 23 -17.97 -6.52 -3.09
N VAL A 24 -17.14 -7.22 -2.29
CA VAL A 24 -16.58 -8.51 -2.71
C VAL A 24 -16.93 -9.61 -1.71
N SER A 25 -16.77 -10.86 -2.14
CA SER A 25 -17.05 -12.01 -1.29
C SER A 25 -16.04 -12.11 -0.16
N PRO A 26 -16.38 -12.73 0.97
CA PRO A 26 -15.44 -12.85 2.12
C PRO A 26 -14.21 -13.66 1.75
N SER A 27 -14.42 -14.69 0.93
CA SER A 27 -13.30 -15.53 0.47
C SER A 27 -12.41 -14.72 -0.47
N TYR A 28 -13.05 -13.95 -1.35
CA TYR A 28 -12.33 -13.09 -2.30
C TYR A 28 -11.49 -12.08 -1.53
N LEU A 29 -12.09 -11.50 -0.50
CA LEU A 29 -11.41 -10.51 0.32
C LEU A 29 -10.07 -11.06 0.82
N SER A 30 -10.09 -12.33 1.23
CA SER A 30 -8.89 -12.99 1.72
C SER A 30 -7.89 -13.28 0.60
N GLN A 31 -8.38 -13.31 -0.64
CA GLN A 31 -7.52 -13.62 -1.79
C GLN A 31 -6.41 -12.60 -1.96
N MET A 32 -6.77 -11.32 -1.87
CA MET A 32 -5.77 -10.25 -2.02
C MET A 32 -4.77 -10.32 -0.86
N ALA A 33 -5.27 -10.71 0.31
CA ALA A 33 -4.42 -10.87 1.49
C ALA A 33 -3.35 -11.92 1.21
N SER A 34 -3.79 -13.02 0.60
CA SER A 34 -2.88 -14.11 0.23
C SER A 34 -1.99 -13.69 -0.93
N GLY A 35 -2.57 -12.92 -1.86
CA GLY A 35 -1.85 -12.47 -3.05
C GLY A 35 -2.17 -13.36 -4.26
N ARG A 36 -3.23 -14.18 -4.16
CA ARG A 36 -3.60 -15.09 -5.25
C ARG A 36 -4.78 -14.57 -6.07
N THR A 37 -4.84 -13.27 -6.21
CA THR A 37 -5.90 -12.63 -6.96
C THR A 37 -5.42 -11.32 -7.58
N ALA A 38 -6.20 -10.85 -8.55
CA ALA A 38 -5.87 -9.61 -9.24
C ALA A 38 -6.67 -8.47 -8.64
N ILE A 39 -5.96 -7.41 -8.27
CA ILE A 39 -6.57 -6.24 -7.66
C ILE A 39 -6.67 -5.11 -8.69
N SER A 40 -7.89 -4.56 -8.83
CA SER A 40 -8.13 -3.47 -9.77
C SER A 40 -7.68 -2.14 -9.16
N PRO A 41 -7.35 -1.13 -9.95
CA PRO A 41 -6.90 0.19 -9.40
C PRO A 41 -7.94 0.81 -8.49
N THR A 42 -9.21 0.72 -8.90
CA THR A 42 -10.32 1.27 -8.12
C THR A 42 -10.46 0.47 -6.81
N ARG A 43 -10.33 -0.85 -6.94
CA ARG A 43 -10.45 -1.74 -5.79
C ARG A 43 -9.46 -1.36 -4.70
N ALA A 44 -8.26 -0.97 -5.10
CA ALA A 44 -7.22 -0.58 -4.16
C ALA A 44 -7.70 0.58 -3.29
N LEU A 45 -8.41 1.53 -3.92
CA LEU A 45 -8.94 2.69 -3.21
C LEU A 45 -9.98 2.29 -2.17
N MET A 46 -10.75 1.22 -2.45
CA MET A 46 -11.81 0.78 -1.55
C MET A 46 -11.28 0.39 -0.18
N ILE A 47 -10.22 -0.43 -0.17
CA ILE A 47 -9.62 -0.88 1.10
C ILE A 47 -9.04 0.30 1.87
N GLU A 48 -8.29 1.14 1.16
CA GLU A 48 -7.65 2.29 1.78
C GLU A 48 -8.69 3.18 2.45
N SER A 49 -9.84 3.31 1.79
CA SER A 49 -10.95 4.09 2.33
C SER A 49 -11.62 3.35 3.49
N ALA A 50 -11.69 2.02 3.35
CA ALA A 50 -12.33 1.19 4.34
C ALA A 50 -11.65 1.26 5.71
N THR A 51 -10.32 1.25 5.72
CA THR A 51 -9.57 1.27 7.00
C THR A 51 -8.95 2.63 7.24
N GLU A 52 -8.35 3.17 6.18
CA GLU A 52 -7.67 4.46 6.23
C GLU A 52 -6.60 4.55 7.32
N GLY A 53 -6.31 3.44 8.03
CA GLY A 53 -5.32 3.46 9.10
C GLY A 53 -4.33 2.30 9.04
N GLN A 54 -4.74 1.17 8.47
CA GLN A 54 -3.88 -0.02 8.41
C GLN A 54 -3.47 -0.37 6.97
N VAL A 55 -4.44 -0.81 6.17
CA VAL A 55 -4.16 -1.20 4.78
C VAL A 55 -4.33 0.01 3.86
N SER A 56 -3.34 0.21 3.00
CA SER A 56 -3.36 1.32 2.04
C SER A 56 -3.24 0.78 0.62
N ARG A 57 -3.66 1.59 -0.34
CA ARG A 57 -3.60 1.20 -1.76
C ARG A 57 -2.17 0.80 -2.16
N ALA A 58 -1.19 1.46 -1.57
CA ALA A 58 0.22 1.16 -1.86
C ALA A 58 0.58 -0.25 -1.41
N GLU A 59 0.04 -0.65 -0.25
CA GLU A 59 0.32 -1.98 0.31
C GLU A 59 -0.16 -3.10 -0.59
N LEU A 60 -1.34 -2.91 -1.20
CA LEU A 60 -1.92 -3.93 -2.07
C LEU A 60 -1.06 -4.13 -3.31
N ARG A 61 -0.64 -3.02 -3.93
CA ARG A 61 0.18 -3.07 -5.13
C ARG A 61 1.41 -2.15 -4.98
N PRO A 62 2.40 -2.52 -4.17
CA PRO A 62 3.62 -1.68 -3.94
C PRO A 62 4.40 -1.39 -5.23
N HIS A 63 4.28 -2.29 -6.22
CA HIS A 63 5.00 -2.13 -7.49
C HIS A 63 4.16 -1.41 -8.57
N ASP A 64 2.84 -1.64 -8.57
CA ASP A 64 1.96 -1.05 -9.59
C ASP A 64 1.34 0.27 -9.16
N TRP A 65 1.26 0.53 -7.84
CA TRP A 65 0.65 1.79 -7.38
C TRP A 65 1.44 2.98 -7.96
N GLU A 66 2.74 2.75 -8.16
CA GLU A 66 3.61 3.77 -8.73
C GLU A 66 3.25 4.04 -10.20
N LEU A 67 2.53 3.10 -10.82
CA LEU A 67 2.12 3.23 -12.23
C LEU A 67 0.66 3.70 -12.31
N ILE A 68 -0.14 3.22 -11.36
CA ILE A 68 -1.56 3.54 -11.27
C ILE A 68 -1.77 4.99 -10.78
N TRP A 69 -0.96 5.38 -9.79
CA TRP A 69 -1.06 6.73 -9.21
C TRP A 69 0.35 7.38 -9.21
N PRO A 70 0.95 7.53 -10.38
CA PRO A 70 2.32 8.13 -10.51
C PRO A 70 2.36 9.63 -10.25
N GLU A 71 1.25 10.32 -10.53
CA GLU A 71 1.19 11.76 -10.31
C GLU A 71 1.39 12.07 -8.82
N TYR A 72 0.78 11.25 -7.98
CA TYR A 72 0.87 11.40 -6.53
C TYR A 72 2.22 10.88 -6.01
N ALA A 73 2.61 9.71 -6.50
CA ALA A 73 3.86 9.09 -6.08
C ALA A 73 5.04 9.96 -6.45
N SER A 74 4.92 10.64 -7.58
CA SER A 74 5.98 11.53 -8.06
C SER A 74 6.20 12.67 -7.06
N GLY A 75 5.15 13.06 -6.36
CA GLY A 75 5.20 14.14 -5.38
C GLY A 75 5.98 13.76 -4.12
N ILE A 76 5.76 12.54 -3.63
CA ILE A 76 6.44 12.09 -2.40
C ILE A 76 7.95 11.93 -2.60
N ARG A 77 8.36 11.59 -3.82
CA ARG A 77 9.79 11.43 -4.12
C ARG A 77 10.51 12.78 -3.96
N LEU A 78 9.80 13.85 -4.33
CA LEU A 78 10.34 15.21 -4.22
C LEU A 78 10.83 15.51 -2.81
N GLY A 79 10.16 14.92 -1.81
CA GLY A 79 10.54 15.14 -0.40
C GLY A 79 9.48 15.94 0.37
N GLN A 80 8.27 16.05 -0.20
CA GLN A 80 7.17 16.78 0.46
C GLN A 80 6.36 15.83 1.37
N THR A 81 7.03 14.79 1.87
CA THR A 81 6.38 13.79 2.71
C THR A 81 6.42 14.19 4.19
N HIS A 82 6.52 15.49 4.47
CA HIS A 82 6.56 15.97 5.86
C HIS A 82 5.26 15.64 6.60
N VAL A 83 4.24 15.27 5.85
CA VAL A 83 2.94 14.90 6.42
C VAL A 83 3.06 13.57 7.15
N VAL A 84 3.64 12.60 6.44
CA VAL A 84 3.84 11.25 6.97
C VAL A 84 5.28 10.83 6.76
N HIS A 85 5.89 10.30 7.83
CA HIS A 85 7.28 9.86 7.78
C HIS A 85 7.46 8.85 6.64
N ALA A 86 8.23 9.27 5.65
CA ALA A 86 8.51 8.44 4.47
C ALA A 86 9.92 8.73 3.95
N GLU A 87 10.49 7.76 3.22
CA GLU A 87 11.83 7.92 2.66
C GLU A 87 11.84 8.98 1.57
N GLY A 88 12.87 9.83 1.59
CA GLY A 88 13.02 10.90 0.60
C GLY A 88 14.21 10.67 -0.33
N ASP A 89 14.63 9.40 -0.47
CA ASP A 89 15.76 9.05 -1.32
C ASP A 89 15.30 8.88 -2.77
N CYS A 90 15.12 10.02 -3.44
CA CYS A 90 14.68 10.03 -4.84
C CYS A 90 15.75 9.46 -5.78
N SER A 91 16.99 9.37 -5.31
CA SER A 91 18.09 8.83 -6.11
C SER A 91 17.79 7.39 -6.52
N ALA A 92 17.11 6.66 -5.64
CA ALA A 92 16.76 5.27 -5.90
C ALA A 92 15.85 5.14 -7.13
N CYS A 93 15.03 6.16 -7.38
CA CYS A 93 14.11 6.13 -8.53
C CYS A 93 14.50 7.18 -9.56
N LEU A 94 14.13 6.92 -10.81
CA LEU A 94 14.43 7.84 -11.93
C LEU A 94 15.95 7.95 -12.14
N SER A 95 16.67 6.87 -11.84
CA SER A 95 18.12 6.84 -12.02
C SER A 95 18.49 6.12 -13.31
N ASP A 96 19.27 6.79 -14.16
CA ASP A 96 19.69 6.21 -15.44
C ASP A 96 21.09 5.59 -15.32
N GLY A 97 21.24 4.41 -15.90
CA GLY A 97 22.53 3.71 -15.88
C GLY A 97 23.60 4.53 -16.59
N VAL A 98 23.20 5.16 -17.70
CA VAL A 98 24.13 5.99 -18.49
C VAL A 98 23.66 7.44 -18.47
N ASP A 99 24.59 8.34 -18.20
CA ASP A 99 24.31 9.77 -18.16
C ASP A 99 24.07 10.29 -19.58
N SER A 100 23.14 11.23 -19.70
CA SER A 100 22.81 11.83 -20.99
C SER A 100 24.00 12.59 -21.59
N GLY A 101 24.92 13.01 -20.71
CA GLY A 101 26.11 13.76 -21.15
C GLY A 101 26.96 12.92 -22.10
N SER A 102 27.08 11.63 -21.80
CA SER A 102 27.87 10.70 -22.61
C SER A 102 27.34 10.63 -24.04
N SER A 103 26.01 10.69 -24.19
CA SER A 103 25.38 10.63 -25.51
C SER A 103 25.65 11.92 -26.28
N HIS A 104 25.48 11.86 -27.60
CA HIS A 104 25.71 13.02 -28.45
C HIS A 104 24.38 13.65 -28.85
N HIS A 105 24.27 14.96 -28.59
CA HIS A 105 23.05 15.71 -28.91
C HIS A 105 23.30 16.74 -30.03
N HIS A 106 24.40 16.58 -30.77
CA HIS A 106 24.76 17.49 -31.85
C HIS A 106 23.70 17.46 -32.94
N HIS A 107 23.38 18.64 -33.49
CA HIS A 107 22.38 18.76 -34.55
C HIS A 107 22.63 20.02 -35.39
N HIS A 108 22.00 20.07 -36.56
CA HIS A 108 22.16 21.21 -37.46
C HIS A 108 21.46 22.45 -36.90
N HIS A 109 22.05 23.62 -37.15
CA HIS A 109 21.49 24.87 -36.66
C HIS A 109 22.23 26.06 -37.28
#